data_6UKT
#
_entry.id   6UKT
#
_cell.length_a   1.00
_cell.length_b   1.00
_cell.length_c   1.00
_cell.angle_alpha   90.00
_cell.angle_beta   90.00
_cell.angle_gamma   90.00
#
_symmetry.space_group_name_H-M   'P 1'
#
loop_
_entity.id
_entity.type
_entity.pdbx_description
1 polymer 'Resistance to inhibitors of cholinesterase 8 homolog A (C. elegans)'
2 polymer 'Guanine nucleotide-binding protein G(i) subunit alpha-1'
3 polymer NB8109
4 polymer NB8117
5 polymer NB8119
6 polymer NB9156
#
loop_
_entity_poly.entity_id
_entity_poly.type
_entity_poly.pdbx_seq_one_letter_code
_entity_poly.pdbx_strand_id
1 'polypeptide(L)'
;GMEPRAVADALETGEEDAVTEALRSFNREHSQSFTFDDAQQEDRKRLAKLLVSVLEQGLSPKHRVTWLQTIRILSRDRSC
LDSFASRQSLHALACYADIAISEEPIPQPPDMDVLLESLKCLCNLVLSSPTAQMLAAEARLVVRLAERVGLYRKRSYPHE
VQFFDLRLLFLLTALRTDVRQQLFQELHGVRLLTDALELTLGVAPKENPLVILPAQETERAMEILKVLFNITFDSVKREV
DEEDAALYRYLGTLLRHCVMADAAGDRTEEFHGHTVNLLGNLPLKCLDVLLALELHEGSLEFMGVNMDVINALLAFLEKR
LHQTHRLKECVAPVLSVLTECARMHRPARKFLKAQVLPPLRDVRTRPEVGDLLRNKLVRLMTHLDTDVKRVAAEFLFVLC
SESVPRFIKYTGYGNAAGLLAARGLMAGGRPEGQY(SEP)EDED(TPO)DTEEYREAKASINPVTGRVEEKPPNPMEGMT
EEQKEHEAMKLVNMFDKLSR
;
A
2 'polypeptide(L)'
;REVKLLLLGAGESGKSTIVKQMKIIHEAGYSEEECKQYKAVVYSNTIQSIIAIIRAMGRLKIDFGDAARADDARQLFVLA
GAAEEGFMTAELAGVIKRLWKDSGVQACFNRSREYQLNDSAAYYLNDLDRIAQPNYIPTQQDVLRTRVKTTGIVETHFTF
KDLHFKMFDVGGQRSERKKWIHCFEGVTAIIFCVALSDYDLVLAEDEEMNRMHESMKLFDSICNNKWFTDTSIILFLNKK
DLFEEKIKKSPLTICYPEYAGSNTYEEAAAYIQCQFEDLNKRKDTKEIYTHFTCATDTKNVQFVFDAVTDVIIKNNLKDC
GLF
;
B
3 'polypeptide(L)'
;QVQLQESGGGLVQPGGSLRLSCAASGIIFRSNGMAWYRQAPGKEREWVASITSFGDAIYRDSVKGRFTISRDNARNAVSL
QTNSLKTEDTAVYYCNTYPVNSAWGQGTQVTVSSHHHHHHEPEA
;
C
4 'polypeptide(L)'
;QVQLQESGGGLEQAGDSLRLSCAASGLIVSNYAMGWFRQAPGKEREFVAYINWNGGVTYYTNSVKGRFTISRDNAKNTVY
LQMNSLKPEDTAVYYCARTSRASVTTRVADFGYWGQGTQVTVSSHHHHHHEPEA
;
D
5 'polypeptide(L)'
;QVQLQESGGGLVQAGGSLRLSCAASGGIVHISSMGWFRQAPGKQRELVATSPSNGDIRYADSVKGRFTLSRDNAKNTVSL
QMNSLEPEDTAVYYCHSFLRHTASASYNNYYGQGTQVTVSSHHHHHHEPEA
;
E
6 'polypeptide(L)'
;QVQLQESGGGLVQAGGSLRLSCAASVRTSDTDGMAWFRQAPGKEREFVGGIRWNSATWYADFVKGRFTISRDNAKNTLYL
QMNSLKPEDTALYYCARRAYGFDTDSRESAYSNWGQGTQVTVSSHHHHHHEPEA
;
F
#
# COMPACT_ATOMS: atom_id res chain seq x y z
N GLU A 3 3.56 29.03 -38.54
CA GLU A 3 4.01 28.52 -37.26
C GLU A 3 2.85 27.90 -36.49
N PRO A 4 3.15 26.89 -35.66
CA PRO A 4 2.11 26.39 -34.75
C PRO A 4 1.69 27.41 -33.71
N ARG A 5 2.54 28.40 -33.42
CA ARG A 5 2.07 29.58 -32.71
C ARG A 5 1.08 30.36 -33.57
N ALA A 6 1.37 30.47 -34.87
CA ALA A 6 0.51 31.20 -35.79
C ALA A 6 -0.76 30.44 -36.15
N VAL A 7 -0.91 29.19 -35.68
CA VAL A 7 -2.16 28.47 -35.87
C VAL A 7 -3.30 29.17 -35.11
N ALA A 8 -3.00 29.65 -33.90
CA ALA A 8 -4.00 30.35 -33.10
C ALA A 8 -4.39 31.68 -33.75
N ASP A 9 -3.47 32.31 -34.49
CA ASP A 9 -3.84 33.52 -35.21
C ASP A 9 -4.52 33.19 -36.55
N ALA A 10 -4.20 32.03 -37.13
CA ALA A 10 -4.84 31.64 -38.38
C ALA A 10 -6.28 31.22 -38.14
N LEU A 11 -6.60 30.76 -36.92
CA LEU A 11 -7.97 30.45 -36.58
C LEU A 11 -8.83 31.71 -36.49
N GLU A 12 -8.20 32.85 -36.19
CA GLU A 12 -8.92 34.12 -36.06
C GLU A 12 -9.53 34.54 -37.39
N THR A 13 -8.74 34.52 -38.46
CA THR A 13 -9.32 34.70 -39.79
C THR A 13 -10.17 33.49 -40.16
N GLY A 14 -9.69 32.29 -39.86
CA GLY A 14 -10.51 31.11 -40.03
C GLY A 14 -10.72 30.68 -41.46
N GLU A 15 -9.71 30.80 -42.31
CA GLU A 15 -9.78 30.17 -43.62
C GLU A 15 -9.70 28.67 -43.44
N GLU A 16 -10.59 27.96 -44.14
CA GLU A 16 -10.81 26.54 -43.83
C GLU A 16 -9.61 25.68 -44.23
N ASP A 17 -9.02 25.96 -45.39
CA ASP A 17 -7.86 25.18 -45.83
C ASP A 17 -6.66 25.42 -44.93
N ALA A 18 -6.41 26.69 -44.57
CA ALA A 18 -5.28 27.03 -43.73
C ALA A 18 -5.42 26.42 -42.34
N VAL A 19 -6.60 26.56 -41.74
CA VAL A 19 -6.84 26.03 -40.40
C VAL A 19 -6.75 24.51 -40.40
N THR A 20 -7.39 23.86 -41.38
CA THR A 20 -7.42 22.41 -41.38
C THR A 20 -6.06 21.82 -41.71
N GLU A 21 -5.32 22.42 -42.65
CA GLU A 21 -4.02 21.88 -43.01
C GLU A 21 -2.99 22.12 -41.91
N ALA A 22 -3.04 23.29 -41.27
CA ALA A 22 -2.12 23.56 -40.17
C ALA A 22 -2.43 22.67 -38.98
N LEU A 23 -3.72 22.41 -38.73
CA LEU A 23 -4.09 21.47 -37.68
C LEU A 23 -3.68 20.04 -38.04
N ARG A 24 -3.72 19.69 -39.33
CA ARG A 24 -3.31 18.35 -39.75
C ARG A 24 -1.82 18.13 -39.54
N SER A 25 -1.00 19.06 -40.02
CA SER A 25 0.44 18.92 -39.87
C SER A 25 0.85 19.06 -38.41
N PHE A 26 0.15 19.91 -37.64
CA PHE A 26 0.41 19.99 -36.21
C PHE A 26 -0.01 18.71 -35.51
N ASN A 27 -1.04 18.03 -36.04
CA ASN A 27 -1.46 16.76 -35.48
C ASN A 27 -0.38 15.70 -35.68
N ARG A 28 0.10 15.53 -36.92
CA ARG A 28 1.10 14.48 -37.11
C ARG A 28 2.46 14.85 -36.56
N GLU A 29 2.77 16.14 -36.41
CA GLU A 29 4.00 16.48 -35.72
C GLU A 29 3.87 16.20 -34.23
N HIS A 30 3.00 16.95 -33.55
CA HIS A 30 2.97 16.90 -32.10
C HIS A 30 1.91 15.94 -31.58
N SER A 31 1.86 14.72 -32.11
CA SER A 31 0.99 13.73 -31.49
C SER A 31 1.67 13.02 -30.34
N GLN A 32 2.97 13.25 -30.17
CA GLN A 32 3.73 12.57 -29.14
C GLN A 32 3.40 13.17 -27.78
N SER A 33 3.77 12.44 -26.73
CA SER A 33 3.64 12.97 -25.39
C SER A 33 4.64 14.09 -25.17
N PHE A 34 4.31 14.97 -24.22
CA PHE A 34 5.16 16.07 -23.77
C PHE A 34 5.49 17.02 -24.91
N THR A 35 4.48 17.76 -25.33
CA THR A 35 4.59 18.77 -26.38
C THR A 35 5.32 20.00 -25.88
N PHE A 36 5.18 21.12 -26.62
CA PHE A 36 5.94 22.36 -26.50
C PHE A 36 6.17 22.87 -25.07
N ASP A 37 7.29 23.54 -24.88
CA ASP A 37 7.86 23.75 -23.56
C ASP A 37 7.79 25.19 -23.08
N ASP A 38 8.15 26.13 -23.94
CA ASP A 38 8.09 27.52 -23.53
C ASP A 38 6.78 28.16 -24.00
N ALA A 39 6.58 28.22 -25.31
CA ALA A 39 5.60 29.11 -25.92
C ALA A 39 4.19 28.55 -25.93
N GLN A 40 3.86 27.63 -25.03
CA GLN A 40 2.51 27.08 -25.03
C GLN A 40 1.65 27.53 -23.86
N GLN A 41 2.23 27.80 -22.69
CA GLN A 41 1.40 28.20 -21.55
C GLN A 41 0.98 29.66 -21.63
N GLU A 42 1.63 30.45 -22.48
CA GLU A 42 1.14 31.77 -22.82
C GLU A 42 0.58 31.86 -24.22
N ASP A 43 1.09 31.05 -25.15
CA ASP A 43 0.78 31.25 -26.55
C ASP A 43 0.31 29.97 -27.22
N ARG A 44 -0.25 29.04 -26.45
CA ARG A 44 -1.18 28.04 -27.00
C ARG A 44 -2.43 27.89 -26.14
N LYS A 45 -2.50 28.53 -24.98
CA LYS A 45 -3.75 28.55 -24.24
C LYS A 45 -4.81 29.35 -24.98
N ARG A 46 -4.39 30.35 -25.74
CA ARG A 46 -5.28 31.03 -26.67
C ARG A 46 -5.83 30.07 -27.71
N LEU A 47 -4.96 29.22 -28.25
CA LEU A 47 -5.36 28.18 -29.18
C LEU A 47 -6.31 27.19 -28.50
N ALA A 48 -6.07 26.91 -27.22
CA ALA A 48 -6.95 26.03 -26.45
C ALA A 48 -8.33 26.65 -26.25
N LYS A 49 -8.37 27.96 -26.00
CA LYS A 49 -9.64 28.66 -25.83
C LYS A 49 -10.45 28.63 -27.12
N LEU A 50 -9.81 28.93 -28.24
CA LEU A 50 -10.54 28.93 -29.50
C LEU A 50 -10.96 27.52 -29.92
N LEU A 51 -10.17 26.50 -29.57
CA LEU A 51 -10.60 25.14 -29.89
C LEU A 51 -11.73 24.68 -28.97
N VAL A 52 -11.77 25.14 -27.72
CA VAL A 52 -12.92 24.85 -26.86
C VAL A 52 -14.16 25.53 -27.40
N SER A 53 -14.01 26.76 -27.89
CA SER A 53 -15.14 27.50 -28.45
C SER A 53 -15.66 26.84 -29.73
N VAL A 54 -14.78 26.33 -30.58
CA VAL A 54 -15.26 25.65 -31.78
C VAL A 54 -15.73 24.23 -31.45
N LEU A 55 -15.30 23.67 -30.31
CA LEU A 55 -15.85 22.41 -29.85
C LEU A 55 -17.26 22.60 -29.33
N GLU A 56 -17.57 23.81 -28.85
CA GLU A 56 -18.90 24.11 -28.33
C GLU A 56 -19.97 23.98 -29.40
N GLN A 57 -19.76 24.61 -30.54
CA GLN A 57 -20.62 24.33 -31.68
C GLN A 57 -20.28 22.95 -32.23
N GLY A 58 -21.29 22.30 -32.81
CA GLY A 58 -21.06 21.04 -33.49
C GLY A 58 -20.29 21.27 -34.76
N LEU A 59 -19.12 20.66 -34.88
CA LEU A 59 -18.29 20.92 -36.04
C LEU A 59 -18.79 20.13 -37.25
N SER A 60 -18.29 20.53 -38.41
CA SER A 60 -18.74 20.01 -39.70
C SER A 60 -18.41 18.52 -39.84
N PRO A 61 -19.12 17.79 -40.71
CA PRO A 61 -18.92 16.34 -40.79
C PRO A 61 -17.55 15.89 -41.27
N LYS A 62 -16.75 16.78 -41.86
CA LYS A 62 -15.38 16.46 -42.21
C LYS A 62 -14.41 17.21 -41.31
N HIS A 63 -13.13 16.85 -41.43
CA HIS A 63 -12.01 17.28 -40.59
C HIS A 63 -12.21 16.96 -39.10
N ARG A 64 -13.12 16.03 -38.79
CA ARG A 64 -13.44 15.72 -37.40
C ARG A 64 -12.27 15.04 -36.70
N VAL A 65 -11.64 14.09 -37.39
CA VAL A 65 -10.50 13.37 -36.82
C VAL A 65 -9.36 14.34 -36.57
N THR A 66 -9.18 15.29 -37.47
CA THR A 66 -8.12 16.29 -37.34
C THR A 66 -8.38 17.21 -36.15
N TRP A 67 -9.61 17.75 -36.06
CA TRP A 67 -9.90 18.71 -35.02
C TRP A 67 -9.92 18.05 -33.65
N LEU A 68 -10.52 16.86 -33.57
CA LEU A 68 -10.52 16.11 -32.32
C LEU A 68 -9.14 15.57 -31.98
N GLN A 69 -8.28 15.37 -32.97
CA GLN A 69 -6.90 15.01 -32.68
C GLN A 69 -6.14 16.19 -32.09
N THR A 70 -6.44 17.39 -32.57
CA THR A 70 -5.89 18.59 -31.93
C THR A 70 -6.42 18.75 -30.51
N ILE A 71 -7.69 18.38 -30.30
CA ILE A 71 -8.26 18.37 -28.96
C ILE A 71 -7.52 17.41 -28.04
N ARG A 72 -7.23 16.22 -28.56
CA ARG A 72 -6.48 15.22 -27.80
C ARG A 72 -5.07 15.70 -27.51
N ILE A 73 -4.42 16.33 -28.49
CA ILE A 73 -3.04 16.74 -28.35
C ILE A 73 -2.91 17.88 -27.34
N LEU A 74 -3.83 18.85 -27.40
CA LEU A 74 -3.83 19.89 -26.39
C LEU A 74 -4.28 19.36 -25.04
N SER A 75 -5.02 18.24 -25.02
CA SER A 75 -5.33 17.60 -23.76
C SER A 75 -4.16 16.85 -23.18
N ARG A 76 -3.10 16.62 -23.95
CA ARG A 76 -1.93 15.94 -23.40
C ARG A 76 -1.15 16.85 -22.46
N ASP A 77 -1.21 18.15 -22.68
CA ASP A 77 -0.48 19.09 -21.83
C ASP A 77 -1.22 19.28 -20.52
N ARG A 78 -0.50 19.78 -19.51
CA ARG A 78 -1.07 19.90 -18.18
C ARG A 78 -1.85 21.19 -18.02
N SER A 79 -1.39 22.28 -18.62
CA SER A 79 -1.93 23.61 -18.32
C SER A 79 -2.96 24.04 -19.35
N CYS A 80 -3.76 23.12 -19.85
CA CYS A 80 -4.95 23.47 -20.62
C CYS A 80 -6.16 22.67 -20.19
N LEU A 81 -6.03 21.84 -19.16
CA LEU A 81 -7.17 21.10 -18.63
C LEU A 81 -8.17 22.02 -17.95
N ASP A 82 -7.71 23.16 -17.45
CA ASP A 82 -8.61 24.12 -16.80
C ASP A 82 -9.59 24.73 -17.79
N SER A 83 -9.22 24.82 -19.06
CA SER A 83 -10.14 25.28 -20.07
C SER A 83 -10.78 24.14 -20.85
N PHE A 84 -10.22 22.94 -20.78
CA PHE A 84 -10.82 21.79 -21.45
C PHE A 84 -11.60 20.88 -20.51
N ALA A 85 -11.85 21.27 -19.27
CA ALA A 85 -12.52 20.40 -18.32
C ALA A 85 -13.69 21.12 -17.67
N SER A 86 -14.52 21.76 -18.49
CA SER A 86 -15.71 22.43 -18.03
C SER A 86 -16.93 21.57 -18.32
N ARG A 87 -18.09 22.07 -17.89
CA ARG A 87 -19.34 21.33 -18.01
C ARG A 87 -19.74 21.18 -19.47
N GLN A 88 -19.82 22.29 -20.20
CA GLN A 88 -20.29 22.20 -21.58
C GLN A 88 -19.24 21.63 -22.51
N SER A 89 -17.96 21.77 -22.15
CA SER A 89 -16.92 21.09 -22.92
C SER A 89 -17.02 19.58 -22.73
N LEU A 90 -17.28 19.13 -21.50
CA LEU A 90 -17.51 17.71 -21.27
C LEU A 90 -18.79 17.25 -21.95
N HIS A 91 -19.79 18.12 -22.04
CA HIS A 91 -21.01 17.81 -22.78
C HIS A 91 -20.71 17.57 -24.25
N ALA A 92 -19.95 18.48 -24.86
CA ALA A 92 -19.61 18.36 -26.27
C ALA A 92 -18.76 17.13 -26.53
N LEU A 93 -17.80 16.86 -25.63
CA LEU A 93 -16.91 15.73 -25.83
C LEU A 93 -17.64 14.40 -25.60
N ALA A 94 -18.62 14.38 -24.70
CA ALA A 94 -19.43 13.19 -24.55
C ALA A 94 -20.39 13.02 -25.71
N CYS A 95 -20.90 14.13 -26.24
CA CYS A 95 -21.85 14.06 -27.35
C CYS A 95 -21.18 13.55 -28.61
N TYR A 96 -19.96 14.00 -28.86
CA TYR A 96 -19.18 13.37 -29.92
C TYR A 96 -18.69 11.99 -29.52
N ALA A 97 -18.61 11.71 -28.22
CA ALA A 97 -18.17 10.40 -27.78
C ALA A 97 -19.29 9.37 -27.80
N ASP A 98 -20.54 9.81 -27.88
CA ASP A 98 -21.73 8.96 -27.79
C ASP A 98 -21.72 8.12 -26.51
N ILE A 99 -21.32 8.75 -25.41
CA ILE A 99 -21.25 8.11 -24.11
C ILE A 99 -22.15 8.77 -23.08
N ALA A 100 -22.85 9.83 -23.45
CA ALA A 100 -23.78 10.49 -22.54
C ALA A 100 -25.20 10.08 -22.87
N ILE A 101 -26.02 9.92 -21.84
CA ILE A 101 -27.41 9.52 -22.06
C ILE A 101 -28.29 10.68 -22.52
N SER A 102 -27.74 11.90 -22.58
CA SER A 102 -28.50 13.04 -23.06
C SER A 102 -28.78 12.99 -24.55
N GLU A 103 -27.97 12.25 -25.32
CA GLU A 103 -28.10 12.18 -26.77
C GLU A 103 -28.00 10.75 -27.25
N GLU A 104 -28.66 9.82 -26.57
CA GLU A 104 -28.56 8.42 -26.94
C GLU A 104 -29.43 7.98 -28.12
N PRO A 105 -30.72 8.34 -28.25
CA PRO A 105 -31.44 7.93 -29.46
C PRO A 105 -31.22 8.84 -30.66
N ILE A 106 -30.35 9.84 -30.52
CA ILE A 106 -30.02 10.77 -31.60
C ILE A 106 -29.08 10.21 -32.67
N PRO A 107 -27.86 9.69 -32.39
CA PRO A 107 -26.82 9.71 -33.42
C PRO A 107 -27.05 8.72 -34.56
N GLN A 108 -26.92 9.24 -35.78
CA GLN A 108 -26.81 8.41 -36.97
C GLN A 108 -25.54 7.56 -36.87
N PRO A 109 -25.54 6.36 -37.44
CA PRO A 109 -24.57 5.30 -37.00
C PRO A 109 -23.13 5.68 -37.27
N PRO A 110 -22.37 5.94 -36.22
CA PRO A 110 -21.02 6.48 -36.39
C PRO A 110 -19.99 5.39 -36.62
N ASP A 111 -19.03 5.70 -37.48
CA ASP A 111 -17.88 4.83 -37.59
C ASP A 111 -17.00 5.00 -36.36
N MET A 112 -16.22 3.97 -36.07
CA MET A 112 -15.53 3.88 -34.80
C MET A 112 -14.32 4.81 -34.68
N ASP A 113 -13.91 5.48 -35.77
CA ASP A 113 -12.65 6.24 -35.75
C ASP A 113 -12.76 7.50 -34.90
N VAL A 114 -13.73 8.37 -35.23
CA VAL A 114 -13.99 9.56 -34.42
C VAL A 114 -14.46 9.16 -33.03
N LEU A 115 -15.09 7.99 -32.92
CA LEU A 115 -15.56 7.48 -31.64
C LEU A 115 -14.39 7.18 -30.72
N LEU A 116 -13.40 6.43 -31.21
CA LEU A 116 -12.23 6.11 -30.40
C LEU A 116 -11.38 7.33 -30.17
N GLU A 117 -11.38 8.28 -31.10
CA GLU A 117 -10.65 9.53 -30.90
C GLU A 117 -11.24 10.32 -29.73
N SER A 118 -12.57 10.42 -29.71
CA SER A 118 -13.25 11.05 -28.58
C SER A 118 -13.04 10.28 -27.29
N LEU A 119 -12.98 8.94 -27.39
CA LEU A 119 -12.67 8.12 -26.22
C LEU A 119 -11.29 8.44 -25.66
N LYS A 120 -10.33 8.67 -26.55
CA LYS A 120 -8.99 9.02 -26.13
C LYS A 120 -8.95 10.40 -25.48
N CYS A 121 -9.68 11.36 -26.03
CA CYS A 121 -9.80 12.67 -25.40
C CYS A 121 -10.45 12.56 -24.02
N LEU A 122 -11.46 11.70 -23.89
CA LEU A 122 -12.13 11.54 -22.60
C LEU A 122 -11.22 10.93 -21.54
N CYS A 123 -10.44 9.91 -21.91
CA CYS A 123 -9.57 9.32 -20.88
C CYS A 123 -8.42 10.26 -20.55
N ASN A 124 -7.95 11.03 -21.54
CA ASN A 124 -6.90 12.02 -21.29
C ASN A 124 -7.37 13.11 -20.33
N LEU A 125 -8.63 13.53 -20.44
CA LEU A 125 -9.14 14.52 -19.50
C LEU A 125 -9.42 13.93 -18.13
N VAL A 126 -10.03 12.74 -18.08
CA VAL A 126 -10.46 12.19 -16.80
C VAL A 126 -9.31 11.62 -16.01
N LEU A 127 -8.14 11.44 -16.64
CA LEU A 127 -6.96 11.04 -15.87
C LEU A 127 -6.48 12.16 -14.97
N SER A 128 -6.57 13.41 -15.43
CA SER A 128 -5.91 14.48 -14.68
C SER A 128 -6.78 15.72 -14.50
N SER A 129 -8.10 15.58 -14.46
CA SER A 129 -8.94 16.68 -13.99
C SER A 129 -9.86 16.23 -12.87
N PRO A 130 -9.63 16.69 -11.63
CA PRO A 130 -10.62 16.46 -10.57
C PRO A 130 -11.94 17.15 -10.82
N THR A 131 -11.92 18.26 -11.57
CA THR A 131 -13.15 18.84 -12.06
C THR A 131 -13.90 17.87 -12.95
N ALA A 132 -13.19 17.12 -13.79
CA ALA A 132 -13.85 16.10 -14.59
C ALA A 132 -14.29 14.92 -13.74
N GLN A 133 -13.60 14.64 -12.65
CA GLN A 133 -14.07 13.61 -11.71
C GLN A 133 -15.40 13.99 -11.10
N MET A 134 -15.49 15.24 -10.61
CA MET A 134 -16.73 15.77 -10.07
C MET A 134 -17.84 15.79 -11.12
N LEU A 135 -17.50 16.21 -12.33
CA LEU A 135 -18.51 16.36 -13.35
C LEU A 135 -18.95 15.04 -13.93
N ALA A 136 -18.08 14.03 -13.92
CA ALA A 136 -18.47 12.70 -14.35
C ALA A 136 -19.38 12.04 -13.32
N ALA A 137 -19.05 12.20 -12.04
CA ALA A 137 -19.95 11.73 -10.99
C ALA A 137 -21.27 12.50 -11.00
N GLU A 138 -21.24 13.75 -11.47
CA GLU A 138 -22.44 14.54 -11.65
C GLU A 138 -23.28 14.05 -12.83
N ALA A 139 -22.63 13.71 -13.93
CA ALA A 139 -23.32 13.52 -15.20
C ALA A 139 -23.73 12.08 -15.45
N ARG A 140 -23.13 11.12 -14.74
CA ARG A 140 -23.48 9.69 -14.81
C ARG A 140 -23.30 9.14 -16.22
N LEU A 141 -22.05 9.14 -16.67
CA LEU A 141 -21.72 8.54 -17.96
C LEU A 141 -21.73 7.02 -17.93
N VAL A 142 -21.68 6.44 -16.72
CA VAL A 142 -21.41 5.02 -16.63
C VAL A 142 -22.59 4.17 -17.02
N VAL A 143 -23.80 4.73 -17.11
CA VAL A 143 -24.92 3.91 -17.57
C VAL A 143 -24.82 3.67 -19.08
N ARG A 144 -24.38 4.68 -19.83
CA ARG A 144 -24.16 4.47 -21.25
C ARG A 144 -22.87 3.70 -21.48
N LEU A 145 -21.89 3.86 -20.59
CA LEU A 145 -20.69 3.03 -20.68
C LEU A 145 -21.00 1.57 -20.42
N ALA A 146 -21.93 1.31 -19.50
CA ALA A 146 -22.39 -0.06 -19.27
C ALA A 146 -23.19 -0.57 -20.45
N GLU A 147 -23.95 0.31 -21.12
CA GLU A 147 -24.64 -0.06 -22.34
C GLU A 147 -23.65 -0.47 -23.42
N ARG A 148 -22.55 0.28 -23.55
CA ARG A 148 -21.52 -0.04 -24.53
C ARG A 148 -20.83 -1.35 -24.20
N VAL A 149 -20.50 -1.58 -22.93
CA VAL A 149 -19.79 -2.80 -22.58
C VAL A 149 -20.74 -4.00 -22.59
N GLY A 150 -22.05 -3.78 -22.49
CA GLY A 150 -22.97 -4.87 -22.62
C GLY A 150 -23.30 -5.16 -24.06
N LEU A 151 -23.07 -4.19 -24.94
CA LEU A 151 -23.40 -4.37 -26.36
C LEU A 151 -22.16 -4.81 -27.13
N TYR A 152 -21.71 -6.02 -26.86
CA TYR A 152 -20.50 -6.54 -27.47
C TYR A 152 -20.68 -7.81 -28.26
N ARG A 153 -21.59 -8.70 -27.87
CA ARG A 153 -21.78 -9.94 -28.58
C ARG A 153 -22.47 -9.75 -29.92
N LYS A 154 -23.06 -8.59 -30.16
CA LYS A 154 -23.68 -8.29 -31.43
C LYS A 154 -22.98 -7.16 -32.18
N ARG A 155 -22.20 -6.34 -31.50
CA ARG A 155 -21.44 -5.28 -32.14
C ARG A 155 -20.02 -5.76 -32.40
N SER A 156 -19.51 -5.45 -33.59
CA SER A 156 -18.15 -5.83 -33.94
C SER A 156 -17.18 -4.69 -33.63
N TYR A 157 -17.10 -4.34 -32.36
CA TYR A 157 -16.26 -3.24 -31.92
C TYR A 157 -14.86 -3.76 -31.63
N PRO A 158 -13.83 -3.25 -32.31
CA PRO A 158 -12.50 -3.83 -32.14
C PRO A 158 -11.80 -3.50 -30.83
N HIS A 159 -10.52 -3.92 -30.79
CA HIS A 159 -9.73 -3.87 -29.57
C HIS A 159 -9.51 -2.45 -29.10
N GLU A 160 -9.28 -1.53 -30.04
CA GLU A 160 -8.91 -0.16 -29.67
C GLU A 160 -10.07 0.55 -28.98
N VAL A 161 -11.24 0.56 -29.61
CA VAL A 161 -12.43 1.18 -29.00
C VAL A 161 -12.81 0.44 -27.73
N GLN A 162 -12.71 -0.89 -27.75
CA GLN A 162 -13.14 -1.70 -26.62
C GLN A 162 -12.26 -1.45 -25.40
N PHE A 163 -10.96 -1.72 -25.56
CA PHE A 163 -9.90 -1.41 -24.60
C PHE A 163 -9.99 -0.01 -24.06
N PHE A 164 -10.22 0.98 -24.94
CA PHE A 164 -10.14 2.36 -24.49
C PHE A 164 -11.37 2.76 -23.68
N ASP A 165 -12.58 2.32 -24.05
CA ASP A 165 -13.69 2.76 -23.22
C ASP A 165 -13.76 1.99 -21.90
N LEU A 166 -13.32 0.73 -21.87
CA LEU A 166 -13.26 0.13 -20.53
C LEU A 166 -12.06 0.62 -19.73
N ARG A 167 -11.06 1.18 -20.40
CA ARG A 167 -10.01 1.90 -19.68
C ARG A 167 -10.55 3.18 -19.05
N LEU A 168 -11.43 3.88 -19.77
CA LEU A 168 -12.16 5.02 -19.21
C LEU A 168 -12.98 4.60 -18.00
N LEU A 169 -13.61 3.43 -18.09
CA LEU A 169 -14.30 2.86 -16.93
C LEU A 169 -13.34 2.61 -15.77
N PHE A 170 -12.12 2.13 -16.08
CA PHE A 170 -11.14 1.87 -15.03
C PHE A 170 -10.69 3.16 -14.36
N LEU A 171 -10.52 4.22 -15.12
CA LEU A 171 -10.12 5.50 -14.55
C LEU A 171 -11.21 6.08 -13.66
N LEU A 172 -12.47 6.04 -14.13
CA LEU A 172 -13.56 6.59 -13.34
C LEU A 172 -13.80 5.77 -12.08
N THR A 173 -13.67 4.45 -12.17
CA THR A 173 -13.81 3.60 -10.99
C THR A 173 -12.59 3.66 -10.09
N ALA A 174 -11.46 4.13 -10.59
CA ALA A 174 -10.35 4.35 -9.69
C ALA A 174 -10.48 5.66 -8.93
N LEU A 175 -11.17 6.63 -9.52
CA LEU A 175 -11.23 7.92 -8.85
C LEU A 175 -12.49 8.16 -8.03
N ARG A 176 -13.64 7.61 -8.38
CA ARG A 176 -14.91 7.99 -7.75
C ARG A 176 -15.58 6.80 -7.08
N THR A 177 -15.51 6.75 -5.74
CA THR A 177 -16.08 5.62 -5.02
C THR A 177 -17.60 5.65 -4.98
N ASP A 178 -18.20 6.82 -5.17
CA ASP A 178 -19.65 6.90 -5.26
C ASP A 178 -20.16 6.21 -6.51
N VAL A 179 -19.51 6.46 -7.64
CA VAL A 179 -19.92 5.75 -8.85
C VAL A 179 -19.42 4.32 -8.83
N ARG A 180 -18.42 4.01 -8.01
CA ARG A 180 -18.02 2.62 -7.77
C ARG A 180 -19.16 1.82 -7.18
N GLN A 181 -19.67 2.26 -6.03
CA GLN A 181 -20.78 1.55 -5.40
C GLN A 181 -22.06 1.69 -6.20
N GLN A 182 -22.19 2.77 -6.98
CA GLN A 182 -23.35 2.93 -7.85
C GLN A 182 -23.36 1.89 -8.97
N LEU A 183 -22.20 1.63 -9.57
CA LEU A 183 -22.10 0.57 -10.55
C LEU A 183 -22.21 -0.80 -9.90
N PHE A 184 -21.74 -0.92 -8.66
CA PHE A 184 -21.78 -2.17 -7.93
C PHE A 184 -23.21 -2.63 -7.68
N GLN A 185 -23.98 -1.81 -6.96
CA GLN A 185 -25.36 -2.20 -6.68
C GLN A 185 -26.26 -1.95 -7.87
N GLU A 186 -26.21 -0.76 -8.43
CA GLU A 186 -27.28 -0.23 -9.27
C GLU A 186 -27.32 -0.86 -10.65
N LEU A 187 -26.22 -1.44 -11.12
CA LEU A 187 -26.20 -1.97 -12.48
C LEU A 187 -25.73 -3.41 -12.60
N HIS A 188 -25.38 -4.07 -11.49
CA HIS A 188 -24.87 -5.45 -11.46
C HIS A 188 -23.62 -5.56 -12.33
N GLY A 189 -22.65 -4.72 -11.96
CA GLY A 189 -21.42 -4.63 -12.71
C GLY A 189 -20.59 -5.89 -12.67
N VAL A 190 -20.74 -6.69 -11.60
CA VAL A 190 -20.06 -7.97 -11.58
C VAL A 190 -20.66 -8.92 -12.61
N ARG A 191 -21.97 -8.83 -12.86
CA ARG A 191 -22.58 -9.68 -13.88
C ARG A 191 -22.14 -9.24 -15.27
N LEU A 192 -22.12 -7.93 -15.51
CA LEU A 192 -21.74 -7.44 -16.83
C LEU A 192 -20.25 -7.66 -17.07
N LEU A 193 -19.44 -7.56 -16.02
CA LEU A 193 -18.02 -7.85 -16.15
C LEU A 193 -17.75 -9.34 -16.33
N THR A 194 -18.60 -10.21 -15.78
CA THR A 194 -18.40 -11.65 -16.02
C THR A 194 -18.72 -12.01 -17.45
N ASP A 195 -19.76 -11.42 -18.04
CA ASP A 195 -19.99 -11.76 -19.45
C ASP A 195 -18.95 -11.11 -20.36
N ALA A 196 -18.40 -9.96 -19.95
CA ALA A 196 -17.24 -9.42 -20.66
C ALA A 196 -16.02 -10.33 -20.56
N LEU A 197 -15.82 -10.94 -19.38
CA LEU A 197 -14.72 -11.87 -19.20
C LEU A 197 -14.92 -13.14 -20.02
N GLU A 198 -16.18 -13.58 -20.15
CA GLU A 198 -16.48 -14.72 -21.00
C GLU A 198 -16.18 -14.41 -22.46
N LEU A 199 -16.47 -13.18 -22.89
CA LEU A 199 -16.11 -12.81 -24.27
C LEU A 199 -14.61 -12.70 -24.48
N THR A 200 -13.87 -12.27 -23.46
CA THR A 200 -12.42 -12.21 -23.60
C THR A 200 -11.81 -13.60 -23.63
N LEU A 201 -12.29 -14.51 -22.77
CA LEU A 201 -11.76 -15.86 -22.77
C LEU A 201 -12.23 -16.66 -23.98
N GLY A 202 -13.30 -16.24 -24.64
CA GLY A 202 -13.89 -17.01 -25.72
C GLY A 202 -13.13 -17.06 -27.03
N VAL A 203 -11.84 -16.74 -27.00
CA VAL A 203 -10.99 -16.81 -28.19
C VAL A 203 -10.69 -18.23 -28.62
N ALA A 204 -10.98 -19.23 -27.76
CA ALA A 204 -10.81 -20.66 -27.96
C ALA A 204 -9.38 -21.02 -28.34
N PRO A 205 -8.43 -20.87 -27.42
CA PRO A 205 -7.02 -21.05 -27.78
C PRO A 205 -6.54 -22.48 -27.51
N LYS A 206 -7.05 -23.42 -28.30
CA LYS A 206 -6.88 -24.86 -28.09
C LYS A 206 -7.31 -25.23 -26.67
N GLU A 207 -8.63 -25.14 -26.47
CA GLU A 207 -9.23 -25.15 -25.15
C GLU A 207 -8.99 -26.44 -24.37
N ASN A 208 -8.75 -27.56 -25.04
CA ASN A 208 -8.57 -28.80 -24.29
C ASN A 208 -7.18 -28.86 -23.65
N PRO A 209 -6.07 -28.46 -24.32
CA PRO A 209 -4.86 -28.14 -23.54
C PRO A 209 -4.93 -26.74 -22.93
N LEU A 210 -3.81 -26.29 -22.39
CA LEU A 210 -3.75 -25.03 -21.66
C LEU A 210 -4.03 -23.85 -22.59
N VAL A 211 -4.87 -22.92 -22.11
CA VAL A 211 -5.30 -21.79 -22.92
C VAL A 211 -4.16 -20.79 -23.08
N ILE A 212 -4.10 -20.16 -24.25
CA ILE A 212 -3.00 -19.27 -24.60
C ILE A 212 -3.62 -18.00 -25.23
N LEU A 213 -3.81 -16.99 -24.42
CA LEU A 213 -4.50 -15.80 -24.90
C LEU A 213 -3.52 -14.87 -25.61
N PRO A 214 -3.83 -14.41 -26.82
CA PRO A 214 -2.94 -13.45 -27.50
C PRO A 214 -2.96 -12.07 -26.87
N ALA A 215 -2.19 -11.15 -27.43
CA ALA A 215 -1.83 -9.93 -26.70
C ALA A 215 -2.99 -8.95 -26.58
N GLN A 216 -3.80 -8.81 -27.64
CA GLN A 216 -4.87 -7.81 -27.64
C GLN A 216 -5.93 -8.15 -26.61
N GLU A 217 -6.52 -9.34 -26.73
CA GLU A 217 -7.51 -9.77 -25.77
C GLU A 217 -6.90 -10.05 -24.40
N THR A 218 -5.60 -10.35 -24.37
CA THR A 218 -4.90 -10.49 -23.10
C THR A 218 -4.91 -9.18 -22.33
N GLU A 219 -4.57 -8.09 -23.00
CA GLU A 219 -4.57 -6.80 -22.33
C GLU A 219 -5.98 -6.29 -22.06
N ARG A 220 -6.97 -6.72 -22.86
CA ARG A 220 -8.36 -6.44 -22.49
C ARG A 220 -8.75 -7.16 -21.22
N ALA A 221 -8.38 -8.42 -21.10
CA ALA A 221 -8.69 -9.17 -19.89
C ALA A 221 -7.95 -8.61 -18.70
N MET A 222 -6.75 -8.09 -18.93
CA MET A 222 -5.97 -7.46 -17.86
C MET A 222 -6.64 -6.16 -17.39
N GLU A 223 -7.12 -5.35 -18.34
CA GLU A 223 -7.81 -4.12 -17.96
C GLU A 223 -9.18 -4.37 -17.34
N ILE A 224 -9.92 -5.36 -17.82
CA ILE A 224 -11.20 -5.64 -17.16
C ILE A 224 -10.99 -6.31 -15.83
N LEU A 225 -9.85 -6.98 -15.61
CA LEU A 225 -9.54 -7.48 -14.28
C LEU A 225 -9.15 -6.34 -13.36
N LYS A 226 -8.53 -5.30 -13.91
CA LYS A 226 -8.31 -4.07 -13.15
C LYS A 226 -9.64 -3.45 -12.74
N VAL A 227 -10.61 -3.44 -13.65
CA VAL A 227 -11.96 -2.94 -13.36
C VAL A 227 -12.63 -3.80 -12.29
N LEU A 228 -12.47 -5.11 -12.40
CA LEU A 228 -13.07 -6.03 -11.44
C LEU A 228 -12.47 -5.88 -10.05
N PHE A 229 -11.14 -5.73 -9.96
CA PHE A 229 -10.54 -5.50 -8.67
C PHE A 229 -10.85 -4.10 -8.15
N ASN A 230 -11.11 -3.16 -9.05
CA ASN A 230 -11.53 -1.83 -8.64
C ASN A 230 -12.88 -1.86 -7.98
N ILE A 231 -13.78 -2.73 -8.45
CA ILE A 231 -15.14 -2.72 -7.93
C ILE A 231 -15.44 -3.82 -6.92
N THR A 232 -14.58 -4.83 -6.80
CA THR A 232 -14.98 -6.02 -6.07
C THR A 232 -14.67 -5.98 -4.59
N PHE A 233 -13.94 -5.00 -4.10
CA PHE A 233 -13.40 -5.06 -2.75
C PHE A 233 -14.34 -4.53 -1.68
N ASP A 234 -15.27 -3.66 -2.03
CA ASP A 234 -15.83 -2.71 -1.08
C ASP A 234 -16.84 -3.39 -0.17
N SER A 235 -16.38 -3.70 1.05
CA SER A 235 -17.20 -4.23 2.15
C SER A 235 -17.87 -5.55 1.76
N VAL A 236 -17.10 -6.43 1.12
CA VAL A 236 -17.63 -7.67 0.59
C VAL A 236 -17.21 -8.87 1.44
N LYS A 237 -16.66 -8.62 2.63
CA LYS A 237 -15.87 -9.63 3.32
C LYS A 237 -16.73 -10.76 3.87
N ARG A 238 -17.91 -10.44 4.37
CA ARG A 238 -18.84 -11.46 4.85
C ARG A 238 -20.25 -11.13 4.35
N GLU A 239 -20.36 -10.88 3.05
CA GLU A 239 -21.60 -10.45 2.43
C GLU A 239 -22.05 -11.57 1.50
N VAL A 240 -22.84 -12.49 2.04
CA VAL A 240 -23.12 -13.76 1.39
C VAL A 240 -24.57 -13.79 0.94
N ASP A 241 -24.79 -14.28 -0.27
CA ASP A 241 -26.10 -14.55 -0.82
C ASP A 241 -25.98 -15.83 -1.64
N GLU A 242 -27.10 -16.51 -1.85
CA GLU A 242 -27.06 -17.75 -2.64
C GLU A 242 -26.81 -17.46 -4.11
N GLU A 243 -27.63 -16.58 -4.71
CA GLU A 243 -27.49 -16.30 -6.14
C GLU A 243 -26.25 -15.47 -6.42
N ASP A 244 -25.93 -14.52 -5.53
CA ASP A 244 -24.70 -13.76 -5.67
C ASP A 244 -23.48 -14.64 -5.43
N ALA A 245 -23.60 -15.62 -4.53
CA ALA A 245 -22.53 -16.58 -4.33
C ALA A 245 -22.37 -17.49 -5.53
N ALA A 246 -23.48 -17.77 -6.23
CA ALA A 246 -23.38 -18.55 -7.46
C ALA A 246 -22.68 -17.77 -8.55
N LEU A 247 -22.96 -16.46 -8.64
CA LEU A 247 -22.24 -15.62 -9.60
C LEU A 247 -20.77 -15.49 -9.24
N TYR A 248 -20.48 -15.33 -7.95
CA TYR A 248 -19.10 -15.34 -7.46
C TYR A 248 -18.42 -16.67 -7.73
N ARG A 249 -19.18 -17.75 -7.66
CA ARG A 249 -18.63 -19.07 -7.94
C ARG A 249 -18.35 -19.24 -9.42
N TYR A 250 -19.16 -18.64 -10.29
CA TYR A 250 -18.87 -18.67 -11.72
C TYR A 250 -17.61 -17.88 -12.02
N LEU A 251 -17.44 -16.73 -11.36
CA LEU A 251 -16.20 -15.99 -11.50
C LEU A 251 -15.03 -16.78 -10.92
N GLY A 252 -15.27 -17.56 -9.88
CA GLY A 252 -14.21 -18.36 -9.28
C GLY A 252 -13.76 -19.49 -10.18
N THR A 253 -14.70 -20.20 -10.80
CA THR A 253 -14.29 -21.29 -11.68
C THR A 253 -13.70 -20.76 -12.98
N LEU A 254 -14.13 -19.55 -13.41
CA LEU A 254 -13.51 -18.93 -14.56
C LEU A 254 -12.08 -18.52 -14.23
N LEU A 255 -11.85 -18.02 -13.03
CA LEU A 255 -10.49 -17.72 -12.59
C LEU A 255 -9.67 -18.97 -12.38
N ARG A 256 -10.33 -20.08 -12.00
CA ARG A 256 -9.63 -21.35 -11.88
C ARG A 256 -9.11 -21.81 -13.22
N HIS A 257 -9.94 -21.69 -14.26
CA HIS A 257 -9.48 -22.00 -15.60
C HIS A 257 -8.49 -20.97 -16.13
N CYS A 258 -8.50 -19.76 -15.59
CA CYS A 258 -7.65 -18.70 -16.12
C CYS A 258 -6.27 -18.66 -15.46
N VAL A 259 -6.14 -19.13 -14.22
CA VAL A 259 -4.91 -18.91 -13.47
C VAL A 259 -3.76 -19.78 -13.98
N MET A 260 -4.06 -20.93 -14.60
CA MET A 260 -3.03 -21.82 -15.09
C MET A 260 -2.66 -21.53 -16.54
N ALA A 261 -2.82 -20.29 -16.99
CA ALA A 261 -2.58 -19.93 -18.38
C ALA A 261 -1.25 -19.23 -18.53
N ASP A 262 -0.98 -18.75 -19.74
CA ASP A 262 0.25 -18.03 -20.05
C ASP A 262 -0.09 -16.91 -21.01
N ALA A 263 0.27 -15.68 -20.65
CA ALA A 263 -0.07 -14.57 -21.52
C ALA A 263 0.98 -14.41 -22.60
N ALA A 264 0.55 -13.83 -23.72
CA ALA A 264 1.44 -13.65 -24.86
C ALA A 264 2.49 -12.60 -24.57
N GLY A 265 3.61 -12.69 -25.29
CA GLY A 265 4.70 -11.77 -25.09
C GLY A 265 5.40 -11.95 -23.76
N ASP A 266 5.19 -11.00 -22.85
CA ASP A 266 5.79 -11.05 -21.52
C ASP A 266 4.81 -10.60 -20.45
N ARG A 267 3.51 -10.65 -20.73
CA ARG A 267 2.48 -10.17 -19.84
C ARG A 267 2.02 -11.22 -18.84
N THR A 268 2.73 -12.35 -18.74
CA THR A 268 2.24 -13.47 -17.96
C THR A 268 2.33 -13.20 -16.46
N GLU A 269 3.39 -12.50 -16.03
CA GLU A 269 3.57 -12.21 -14.61
C GLU A 269 2.51 -11.23 -14.12
N GLU A 270 2.33 -10.12 -14.83
CA GLU A 270 1.31 -9.14 -14.46
C GLU A 270 -0.10 -9.70 -14.65
N PHE A 271 -0.27 -10.58 -15.64
CA PHE A 271 -1.51 -11.32 -15.81
C PHE A 271 -1.82 -12.14 -14.56
N HIS A 272 -0.83 -12.90 -14.10
CA HIS A 272 -1.01 -13.76 -12.93
C HIS A 272 -1.27 -12.94 -11.68
N GLY A 273 -0.57 -11.81 -11.55
CA GLY A 273 -0.78 -10.94 -10.41
C GLY A 273 -2.16 -10.31 -10.39
N HIS A 274 -2.67 -9.92 -11.55
CA HIS A 274 -4.00 -9.33 -11.56
C HIS A 274 -5.08 -10.38 -11.35
N THR A 275 -4.87 -11.60 -11.87
CA THR A 275 -5.82 -12.68 -11.60
C THR A 275 -5.88 -13.00 -10.12
N VAL A 276 -4.74 -13.06 -9.45
CA VAL A 276 -4.80 -13.41 -8.04
C VAL A 276 -5.27 -12.22 -7.21
N ASN A 277 -5.07 -10.99 -7.70
CA ASN A 277 -5.64 -9.83 -7.04
C ASN A 277 -7.17 -9.88 -7.07
N LEU A 278 -7.74 -10.23 -8.22
CA LEU A 278 -9.18 -10.46 -8.29
C LEU A 278 -9.60 -11.64 -7.44
N LEU A 279 -8.75 -12.67 -7.34
CA LEU A 279 -9.10 -13.86 -6.58
C LEU A 279 -9.12 -13.60 -5.08
N GLY A 280 -8.36 -12.60 -4.62
CA GLY A 280 -8.20 -12.31 -3.21
C GLY A 280 -9.43 -12.06 -2.34
N ASN A 281 -10.18 -11.01 -2.62
CA ASN A 281 -11.14 -10.47 -1.66
C ASN A 281 -12.53 -11.11 -1.77
N LEU A 282 -12.64 -12.30 -2.33
CA LEU A 282 -13.93 -12.94 -2.53
C LEU A 282 -14.46 -13.49 -1.20
N PRO A 283 -15.73 -13.92 -1.16
CA PRO A 283 -16.20 -14.70 -0.01
C PRO A 283 -15.41 -15.99 0.16
N LEU A 284 -14.84 -16.17 1.35
CA LEU A 284 -13.95 -17.29 1.62
C LEU A 284 -14.66 -18.62 1.56
N LYS A 285 -15.94 -18.65 1.96
CA LYS A 285 -16.75 -19.85 1.79
C LYS A 285 -16.90 -20.21 0.31
N CYS A 286 -16.94 -19.20 -0.56
CA CYS A 286 -16.95 -19.44 -1.99
C CYS A 286 -15.56 -19.72 -2.55
N LEU A 287 -14.52 -19.74 -1.72
CA LEU A 287 -13.16 -19.86 -2.22
C LEU A 287 -12.80 -21.30 -2.57
N ASP A 288 -13.31 -22.27 -1.80
CA ASP A 288 -12.80 -23.64 -1.84
C ASP A 288 -13.11 -24.39 -3.14
N VAL A 289 -13.83 -23.76 -4.06
CA VAL A 289 -14.02 -24.25 -5.42
C VAL A 289 -12.71 -24.29 -6.19
N LEU A 290 -11.66 -23.61 -5.70
CA LEU A 290 -10.32 -23.83 -6.22
C LEU A 290 -9.86 -25.28 -6.08
N LEU A 291 -10.32 -25.98 -5.04
CA LEU A 291 -10.05 -27.42 -4.96
C LEU A 291 -10.86 -28.20 -5.99
N ALA A 292 -12.00 -27.66 -6.43
CA ALA A 292 -12.95 -28.43 -7.23
C ALA A 292 -12.43 -28.68 -8.64
N LEU A 293 -11.41 -29.52 -8.73
CA LEU A 293 -10.77 -29.86 -9.99
C LEU A 293 -10.71 -31.37 -10.07
N GLU A 294 -11.02 -31.90 -11.25
CA GLU A 294 -11.14 -33.34 -11.35
C GLU A 294 -9.77 -34.00 -11.49
N LEU A 295 -9.78 -35.32 -11.39
CA LEU A 295 -8.61 -36.10 -11.77
C LEU A 295 -8.41 -35.99 -13.28
N HIS A 296 -7.16 -36.03 -13.69
CA HIS A 296 -6.81 -35.81 -15.09
C HIS A 296 -5.46 -36.45 -15.35
N GLU A 297 -5.14 -36.58 -16.64
CA GLU A 297 -3.82 -37.02 -17.01
C GLU A 297 -2.84 -35.87 -16.88
N GLY A 298 -1.73 -36.11 -16.21
CA GLY A 298 -0.83 -35.04 -15.86
C GLY A 298 -1.43 -34.19 -14.77
N SER A 299 -1.60 -34.78 -13.59
CA SER A 299 -2.23 -34.10 -12.47
C SER A 299 -1.59 -34.53 -11.17
N LEU A 300 -1.17 -33.54 -10.39
CA LEU A 300 -0.51 -33.79 -9.10
C LEU A 300 -1.56 -34.21 -8.09
N GLU A 301 -1.91 -35.49 -8.11
CA GLU A 301 -2.96 -35.98 -7.22
C GLU A 301 -2.39 -36.23 -5.84
N PHE A 302 -2.95 -35.54 -4.84
CA PHE A 302 -2.55 -35.69 -3.46
C PHE A 302 -3.80 -35.91 -2.64
N MET A 303 -3.74 -36.89 -1.73
CA MET A 303 -4.85 -37.31 -0.86
C MET A 303 -6.11 -37.67 -1.65
N GLY A 304 -5.94 -38.16 -2.88
CA GLY A 304 -7.05 -38.48 -3.74
C GLY A 304 -7.66 -37.31 -4.47
N VAL A 305 -7.20 -36.09 -4.21
CA VAL A 305 -7.82 -34.91 -4.82
C VAL A 305 -6.76 -34.21 -5.66
N ASN A 306 -7.23 -33.47 -6.65
CA ASN A 306 -6.37 -32.62 -7.45
C ASN A 306 -5.83 -31.47 -6.60
N MET A 307 -4.61 -31.03 -6.92
CA MET A 307 -4.01 -29.86 -6.31
C MET A 307 -3.23 -29.00 -7.29
N ASP A 308 -3.54 -29.10 -8.59
CA ASP A 308 -2.66 -28.53 -9.61
C ASP A 308 -2.66 -27.01 -9.57
N VAL A 309 -3.82 -26.40 -9.36
CA VAL A 309 -3.88 -24.95 -9.35
C VAL A 309 -3.24 -24.39 -8.07
N ILE A 310 -3.32 -25.14 -6.97
CA ILE A 310 -2.68 -24.69 -5.73
C ILE A 310 -1.17 -24.77 -5.87
N ASN A 311 -0.67 -25.84 -6.50
CA ASN A 311 0.77 -25.95 -6.75
C ASN A 311 1.24 -24.87 -7.71
N ALA A 312 0.41 -24.53 -8.71
CA ALA A 312 0.77 -23.49 -9.66
C ALA A 312 0.83 -22.12 -8.99
N LEU A 313 -0.12 -21.82 -8.11
CA LEU A 313 -0.05 -20.53 -7.45
C LEU A 313 1.03 -20.49 -6.37
N LEU A 314 1.42 -21.65 -5.83
CA LEU A 314 2.58 -21.67 -4.94
C LEU A 314 3.86 -21.40 -5.72
N ALA A 315 3.95 -21.93 -6.95
CA ALA A 315 5.05 -21.59 -7.83
C ALA A 315 5.06 -20.11 -8.17
N PHE A 316 3.86 -19.54 -8.35
CA PHE A 316 3.74 -18.10 -8.59
C PHE A 316 4.19 -17.30 -7.38
N LEU A 317 3.90 -17.82 -6.18
CA LEU A 317 4.33 -17.16 -4.94
C LEU A 317 5.85 -17.16 -4.83
N GLU A 318 6.49 -18.30 -5.12
CA GLU A 318 7.94 -18.36 -5.07
C GLU A 318 8.57 -17.50 -6.17
N LYS A 319 7.92 -17.40 -7.32
CA LYS A 319 8.44 -16.54 -8.37
C LYS A 319 8.25 -15.07 -8.04
N ARG A 320 7.22 -14.75 -7.27
CA ARG A 320 6.86 -13.38 -6.97
C ARG A 320 7.60 -12.82 -5.76
N LEU A 321 8.08 -13.70 -4.87
CA LEU A 321 8.69 -13.27 -3.61
C LEU A 321 9.95 -12.44 -3.81
N HIS A 322 10.66 -12.63 -4.92
CA HIS A 322 11.93 -11.95 -5.14
C HIS A 322 11.81 -10.45 -5.34
N GLN A 323 10.62 -9.93 -5.56
CA GLN A 323 10.44 -8.49 -5.75
C GLN A 323 10.57 -7.79 -4.41
N THR A 324 11.73 -7.19 -4.16
CA THR A 324 12.08 -6.62 -2.87
C THR A 324 11.78 -5.14 -2.77
N HIS A 325 11.40 -4.48 -3.86
CA HIS A 325 11.12 -3.05 -3.80
C HIS A 325 9.69 -2.75 -3.44
N ARG A 326 8.76 -3.65 -3.76
CA ARG A 326 7.35 -3.43 -3.48
C ARG A 326 6.75 -4.78 -3.15
N LEU A 327 6.68 -5.09 -1.86
CA LEU A 327 6.23 -6.41 -1.42
C LEU A 327 4.72 -6.47 -1.25
N LYS A 328 4.17 -5.50 -0.51
CA LYS A 328 2.79 -5.58 -0.02
C LYS A 328 1.75 -5.53 -1.13
N GLU A 329 2.13 -5.07 -2.32
CA GLU A 329 1.28 -5.30 -3.48
C GLU A 329 1.38 -6.75 -3.93
N CYS A 330 2.59 -7.26 -4.03
CA CYS A 330 2.85 -8.45 -4.82
C CYS A 330 2.62 -9.76 -4.07
N VAL A 331 2.80 -9.78 -2.75
CA VAL A 331 2.87 -11.04 -2.04
C VAL A 331 1.67 -11.25 -1.10
N ALA A 332 0.92 -10.20 -0.77
CA ALA A 332 -0.16 -10.35 0.20
C ALA A 332 -1.37 -11.17 -0.29
N PRO A 333 -1.98 -10.93 -1.46
CA PRO A 333 -3.24 -11.62 -1.75
C PRO A 333 -3.11 -13.12 -2.00
N VAL A 334 -2.02 -13.55 -2.64
CA VAL A 334 -1.76 -14.99 -2.79
C VAL A 334 -1.61 -15.66 -1.44
N LEU A 335 -0.95 -14.99 -0.51
CA LEU A 335 -0.75 -15.58 0.81
C LEU A 335 -2.06 -15.67 1.57
N SER A 336 -2.90 -14.64 1.49
CA SER A 336 -4.18 -14.69 2.20
C SER A 336 -5.12 -15.72 1.60
N VAL A 337 -5.17 -15.81 0.26
CA VAL A 337 -6.05 -16.79 -0.34
C VAL A 337 -5.50 -18.20 -0.13
N LEU A 338 -4.18 -18.34 0.05
CA LEU A 338 -3.62 -19.65 0.34
C LEU A 338 -3.93 -20.06 1.78
N THR A 339 -3.97 -19.09 2.70
CA THR A 339 -4.44 -19.37 4.05
C THR A 339 -5.87 -19.87 4.04
N GLU A 340 -6.73 -19.16 3.32
CA GLU A 340 -8.16 -19.47 3.41
C GLU A 340 -8.50 -20.77 2.71
N CYS A 341 -7.85 -21.06 1.57
CA CYS A 341 -8.08 -22.36 0.94
C CYS A 341 -7.39 -23.48 1.71
N ALA A 342 -6.30 -23.18 2.41
CA ALA A 342 -5.66 -24.22 3.21
C ALA A 342 -6.47 -24.52 4.46
N ARG A 343 -7.14 -23.51 5.03
CA ARG A 343 -7.85 -23.68 6.28
C ARG A 343 -9.21 -24.32 6.13
N MET A 344 -9.76 -24.38 4.92
CA MET A 344 -11.08 -24.93 4.72
C MET A 344 -11.04 -26.31 4.11
N HIS A 345 -9.87 -26.93 4.05
CA HIS A 345 -9.74 -28.22 3.39
C HIS A 345 -8.58 -28.98 4.00
N ARG A 346 -8.88 -30.16 4.55
CA ARG A 346 -7.83 -31.01 5.09
C ARG A 346 -6.81 -31.55 4.08
N PRO A 347 -7.13 -31.90 2.81
CA PRO A 347 -6.03 -32.22 1.90
C PRO A 347 -5.21 -31.02 1.53
N ALA A 348 -5.79 -29.82 1.51
CA ALA A 348 -5.01 -28.62 1.23
C ALA A 348 -4.06 -28.31 2.37
N ARG A 349 -4.57 -28.33 3.59
CA ARG A 349 -3.74 -28.13 4.77
C ARG A 349 -2.67 -29.19 4.88
N LYS A 350 -3.02 -30.46 4.60
CA LYS A 350 -2.05 -31.53 4.69
C LYS A 350 -1.02 -31.46 3.57
N PHE A 351 -1.42 -30.99 2.39
CA PHE A 351 -0.49 -30.90 1.28
C PHE A 351 0.54 -29.80 1.49
N LEU A 352 0.07 -28.60 1.84
CA LEU A 352 1.04 -27.53 2.05
C LEU A 352 1.82 -27.72 3.34
N LYS A 353 1.21 -28.36 4.35
CA LYS A 353 1.90 -28.72 5.57
C LYS A 353 2.91 -29.84 5.33
N ALA A 354 2.75 -30.60 4.26
CA ALA A 354 3.75 -31.59 3.89
C ALA A 354 4.78 -31.04 2.91
N GLN A 355 4.49 -29.90 2.28
CA GLN A 355 5.41 -29.36 1.29
C GLN A 355 6.35 -28.31 1.86
N VAL A 356 5.83 -27.25 2.47
CA VAL A 356 6.71 -26.12 2.76
C VAL A 356 7.33 -26.23 4.16
N LEU A 357 6.59 -26.75 5.15
CA LEU A 357 7.16 -26.86 6.49
C LEU A 357 8.21 -27.94 6.66
N PRO A 358 7.98 -29.22 6.33
CA PRO A 358 8.83 -30.29 6.89
C PRO A 358 10.24 -30.38 6.31
N PRO A 359 10.69 -29.51 5.36
CA PRO A 359 12.13 -29.29 5.33
C PRO A 359 12.59 -28.67 6.63
N LEU A 360 13.27 -29.49 7.41
CA LEU A 360 13.88 -29.04 8.64
C LEU A 360 15.16 -28.33 8.29
N ARG A 361 15.62 -27.47 9.19
CA ARG A 361 16.93 -26.92 8.97
C ARG A 361 17.97 -27.94 9.42
N ASP A 362 19.22 -27.67 9.04
CA ASP A 362 20.32 -28.31 9.73
C ASP A 362 20.22 -27.94 11.19
N VAL A 363 20.31 -28.94 12.06
CA VAL A 363 19.83 -28.83 13.43
C VAL A 363 20.62 -27.86 14.29
N ARG A 364 21.79 -27.43 13.82
CA ARG A 364 22.60 -26.53 14.61
C ARG A 364 22.18 -25.08 14.43
N THR A 365 22.22 -24.59 13.19
CA THR A 365 22.26 -23.16 12.93
C THR A 365 20.92 -22.50 13.18
N ARG A 366 20.91 -21.19 13.01
CA ARG A 366 19.83 -20.33 13.48
C ARG A 366 18.60 -20.53 12.60
N PRO A 367 17.40 -20.28 13.14
CA PRO A 367 16.19 -20.56 12.36
C PRO A 367 15.91 -19.61 11.22
N GLU A 368 16.78 -18.64 10.95
CA GLU A 368 16.56 -17.65 9.93
C GLU A 368 17.57 -17.69 8.80
N VAL A 369 18.65 -18.46 8.93
CA VAL A 369 19.64 -18.62 7.88
C VAL A 369 19.37 -19.91 7.13
N GLY A 370 19.60 -19.89 5.82
CA GLY A 370 19.19 -20.96 4.93
C GLY A 370 18.48 -20.36 3.72
N ASP A 371 18.52 -21.08 2.60
CA ASP A 371 17.96 -20.61 1.35
C ASP A 371 16.61 -21.24 1.02
N LEU A 372 16.03 -21.99 1.96
CA LEU A 372 14.77 -22.64 1.68
C LEU A 372 13.61 -21.65 1.75
N LEU A 373 12.47 -22.05 1.20
CA LEU A 373 11.29 -21.18 1.19
C LEU A 373 10.77 -20.96 2.59
N ARG A 374 10.87 -21.98 3.44
CA ARG A 374 10.54 -21.83 4.85
C ARG A 374 11.43 -20.79 5.49
N ASN A 375 12.72 -20.80 5.14
CA ASN A 375 13.62 -19.80 5.68
C ASN A 375 13.30 -18.42 5.15
N LYS A 376 12.84 -18.34 3.90
CA LYS A 376 12.43 -17.06 3.32
C LYS A 376 11.24 -16.49 4.05
N LEU A 377 10.27 -17.35 4.38
CA LEU A 377 9.10 -16.88 5.11
C LEU A 377 9.45 -16.49 6.55
N VAL A 378 10.39 -17.22 7.16
CA VAL A 378 10.86 -16.87 8.49
C VAL A 378 11.53 -15.50 8.48
N ARG A 379 12.37 -15.24 7.48
CA ARG A 379 12.99 -13.92 7.36
C ARG A 379 11.97 -12.86 6.98
N LEU A 380 10.89 -13.25 6.31
CA LEU A 380 9.88 -12.27 5.93
C LEU A 380 9.00 -11.88 7.11
N MET A 381 8.83 -12.77 8.09
CA MET A 381 7.91 -12.48 9.19
C MET A 381 8.36 -11.34 10.07
N THR A 382 9.65 -11.01 10.08
CA THR A 382 10.16 -9.89 10.87
C THR A 382 10.33 -8.63 10.04
N HIS A 383 9.79 -8.61 8.83
CA HIS A 383 9.84 -7.41 8.00
C HIS A 383 8.96 -6.32 8.61
N LEU A 384 9.36 -5.07 8.40
CA LEU A 384 8.72 -3.94 9.07
C LEU A 384 7.38 -3.56 8.46
N ASP A 385 6.85 -4.32 7.50
CA ASP A 385 5.48 -4.13 7.05
C ASP A 385 4.58 -5.04 7.88
N THR A 386 3.72 -4.41 8.69
CA THR A 386 2.82 -5.15 9.56
C THR A 386 1.81 -5.96 8.76
N ASP A 387 1.38 -5.42 7.63
CA ASP A 387 0.39 -6.10 6.79
C ASP A 387 1.04 -7.04 5.79
N VAL A 388 2.25 -7.51 6.04
CA VAL A 388 2.71 -8.73 5.41
C VAL A 388 3.18 -9.64 6.54
N LYS A 389 3.58 -9.04 7.67
CA LYS A 389 4.07 -9.87 8.76
C LYS A 389 2.91 -10.59 9.45
N ARG A 390 1.74 -9.96 9.52
CA ARG A 390 0.57 -10.65 10.05
C ARG A 390 0.08 -11.70 9.08
N VAL A 391 0.23 -11.45 7.78
CA VAL A 391 -0.22 -12.39 6.76
C VAL A 391 0.61 -13.66 6.83
N ALA A 392 1.94 -13.50 6.90
CA ALA A 392 2.82 -14.66 7.00
C ALA A 392 2.69 -15.35 8.35
N ALA A 393 2.42 -14.59 9.42
CA ALA A 393 2.22 -15.20 10.73
C ALA A 393 0.96 -16.06 10.75
N GLU A 394 -0.14 -15.52 10.22
CA GLU A 394 -1.37 -16.29 10.08
C GLU A 394 -1.17 -17.48 9.16
N PHE A 395 -0.31 -17.33 8.15
CA PHE A 395 -0.07 -18.41 7.20
C PHE A 395 0.64 -19.58 7.86
N LEU A 396 1.75 -19.30 8.56
CA LEU A 396 2.48 -20.38 9.22
C LEU A 396 1.71 -20.94 10.40
N PHE A 397 0.85 -20.12 11.03
CA PHE A 397 0.03 -20.65 12.12
C PHE A 397 -1.03 -21.61 11.57
N VAL A 398 -1.77 -21.20 10.53
CA VAL A 398 -2.85 -22.05 10.08
C VAL A 398 -2.32 -23.22 9.27
N LEU A 399 -1.09 -23.12 8.76
CA LEU A 399 -0.47 -24.26 8.13
C LEU A 399 0.24 -25.14 9.14
N CYS A 400 0.48 -24.65 10.35
CA CYS A 400 1.06 -25.43 11.41
C CYS A 400 -0.01 -26.16 12.21
N SER A 401 -1.20 -26.33 11.62
CA SER A 401 -2.33 -27.07 12.17
C SER A 401 -2.84 -26.48 13.48
N GLU A 402 -2.78 -25.15 13.59
CA GLU A 402 -3.44 -24.37 14.64
C GLU A 402 -2.97 -24.75 16.04
N SER A 403 -1.74 -25.23 16.15
CA SER A 403 -1.19 -25.73 17.41
C SER A 403 0.09 -24.99 17.72
N VAL A 404 0.10 -24.29 18.84
CA VAL A 404 1.25 -23.50 19.28
C VAL A 404 2.49 -24.34 19.61
N PRO A 405 2.44 -25.50 20.29
CA PRO A 405 3.71 -26.22 20.51
C PRO A 405 4.33 -26.76 19.25
N ARG A 406 3.53 -27.00 18.21
CA ARG A 406 4.12 -27.24 16.90
C ARG A 406 4.76 -25.98 16.34
N PHE A 407 4.15 -24.82 16.63
CA PHE A 407 4.66 -23.57 16.09
C PHE A 407 6.00 -23.20 16.72
N ILE A 408 6.12 -23.35 18.04
CA ILE A 408 7.39 -23.03 18.69
C ILE A 408 8.45 -24.07 18.37
N LYS A 409 8.05 -25.30 18.00
CA LYS A 409 9.01 -26.36 17.70
C LYS A 409 9.75 -26.15 16.39
N TYR A 410 9.45 -25.10 15.64
CA TYR A 410 10.28 -24.69 14.53
C TYR A 410 10.40 -23.18 14.41
N THR A 411 9.82 -22.40 15.32
CA THR A 411 9.90 -20.95 15.26
C THR A 411 10.20 -20.41 16.65
N GLY A 412 11.18 -19.52 16.73
CA GLY A 412 11.63 -19.01 18.01
C GLY A 412 10.98 -17.70 18.40
N TYR A 413 10.63 -16.90 17.40
CA TYR A 413 9.94 -15.64 17.60
C TYR A 413 8.43 -15.80 17.50
N GLY A 414 7.94 -17.04 17.46
CA GLY A 414 6.52 -17.26 17.35
C GLY A 414 5.72 -16.77 18.54
N ASN A 415 6.37 -16.64 19.70
CA ASN A 415 5.75 -15.98 20.84
C ASN A 415 5.41 -14.53 20.51
N ALA A 416 6.36 -13.81 19.93
CA ALA A 416 6.09 -12.43 19.52
C ALA A 416 5.18 -12.36 18.31
N ALA A 417 5.10 -13.44 17.54
CA ALA A 417 4.16 -13.47 16.43
C ALA A 417 2.73 -13.61 16.92
N GLY A 418 2.42 -14.68 17.63
CA GLY A 418 1.07 -15.02 18.00
C GLY A 418 0.63 -14.61 19.38
N LEU A 419 1.45 -13.87 20.12
CA LEU A 419 1.04 -13.39 21.44
C LEU A 419 0.01 -12.27 21.33
N LEU A 420 -0.07 -11.63 20.17
CA LEU A 420 -1.07 -10.60 19.93
C LEU A 420 -2.13 -11.02 18.92
N ALA A 421 -1.85 -12.05 18.11
CA ALA A 421 -2.84 -12.56 17.16
C ALA A 421 -4.05 -13.12 17.88
N ALA A 422 -3.83 -14.05 18.80
CA ALA A 422 -4.76 -14.30 19.87
C ALA A 422 -4.24 -13.59 21.11
N ARG A 423 -5.01 -13.65 22.19
CA ARG A 423 -4.60 -13.01 23.43
C ARG A 423 -3.59 -13.92 24.11
N GLY A 424 -2.34 -13.78 23.67
CA GLY A 424 -1.23 -14.51 24.25
C GLY A 424 -1.03 -15.90 23.68
N LEU A 425 -2.09 -16.54 23.19
CA LEU A 425 -2.17 -17.89 22.64
C LEU A 425 -1.88 -18.98 23.66
N MET A 426 -1.56 -18.65 24.91
CA MET A 426 -1.28 -19.64 25.94
C MET A 426 -2.52 -20.00 26.74
N ALA A 427 -3.70 -19.74 26.18
CA ALA A 427 -4.95 -20.17 26.79
C ALA A 427 -5.76 -20.94 25.76
N GLY A 428 -7.02 -21.23 26.07
CA GLY A 428 -7.87 -21.90 25.12
C GLY A 428 -8.24 -21.00 23.97
N GLY A 429 -7.65 -21.26 22.81
CA GLY A 429 -7.87 -20.46 21.63
C GLY A 429 -7.00 -20.98 20.51
N ARG A 430 -7.58 -21.11 19.30
CA ARG A 430 -7.04 -21.88 18.19
C ARG A 430 -6.72 -23.27 18.71
N PRO A 431 -7.74 -24.10 18.92
CA PRO A 431 -7.60 -25.24 19.84
C PRO A 431 -6.77 -26.40 19.31
N GLU A 432 -6.77 -27.48 20.09
CA GLU A 432 -6.23 -28.75 19.63
C GLU A 432 -6.98 -29.20 18.39
N GLY A 433 -6.26 -29.80 17.45
CA GLY A 433 -6.79 -30.00 16.12
C GLY A 433 -7.82 -31.12 16.08
N GLN A 434 -9.05 -30.78 15.70
CA GLN A 434 -9.96 -31.75 15.12
C GLN A 434 -9.79 -31.84 13.62
N TYR A 435 -8.86 -31.06 13.09
CA TYR A 435 -8.56 -30.94 11.68
C TYR A 435 -7.53 -32.00 11.28
N SEP A 436 -7.98 -33.23 11.18
CA SEP A 436 -7.14 -34.43 11.28
CB SEP A 436 -6.37 -34.74 9.97
OG SEP A 436 -5.25 -33.92 9.70
C SEP A 436 -6.21 -34.23 12.48
O SEP A 436 -6.68 -34.37 13.61
P SEP A 436 -4.67 -34.35 8.26
O1P SEP A 436 -5.33 -33.44 7.10
O2P SEP A 436 -3.08 -34.19 8.17
O3P SEP A 436 -5.06 -35.90 7.97
N GLU A 437 -4.95 -33.85 12.22
CA GLU A 437 -3.97 -33.42 13.23
C GLU A 437 -3.77 -34.45 14.35
N ASP A 438 -2.83 -35.36 14.14
CA ASP A 438 -2.40 -36.28 15.17
C ASP A 438 -1.06 -35.84 15.70
N GLU A 439 -0.78 -36.21 16.94
CA GLU A 439 0.40 -35.71 17.64
C GLU A 439 1.61 -36.60 17.33
N ASP A 440 2.01 -36.56 16.06
CA ASP A 440 3.15 -37.33 15.60
C ASP A 440 3.68 -36.76 14.30
N TPO A 441 4.38 -35.67 14.39
CA TPO A 441 5.25 -35.27 13.30
CB TPO A 441 5.09 -33.77 12.98
CG2 TPO A 441 6.37 -32.97 12.73
OG1 TPO A 441 4.30 -33.68 11.79
P TPO A 441 2.75 -33.65 12.20
O1P TPO A 441 2.58 -33.18 13.72
O2P TPO A 441 1.97 -32.65 11.21
O3P TPO A 441 2.17 -35.01 12.06
C TPO A 441 6.66 -35.64 13.72
O TPO A 441 7.08 -35.35 14.84
N ASP A 442 7.39 -36.32 12.83
CA ASP A 442 8.64 -36.91 13.24
C ASP A 442 9.62 -37.13 12.10
N THR A 443 10.88 -37.17 12.51
CA THR A 443 12.10 -37.38 11.73
C THR A 443 13.18 -37.82 12.72
N GLU A 444 14.44 -37.74 12.32
CA GLU A 444 15.55 -37.87 13.26
C GLU A 444 15.85 -36.55 13.99
N GLU A 445 14.93 -35.58 13.95
CA GLU A 445 15.08 -34.31 14.63
C GLU A 445 14.75 -34.45 16.11
N TYR A 446 14.52 -33.32 16.77
CA TYR A 446 14.11 -33.12 18.16
C TYR A 446 15.08 -33.67 19.20
N ARG A 447 16.20 -34.24 18.76
CA ARG A 447 17.22 -34.75 19.67
C ARG A 447 17.81 -33.62 20.49
N GLU A 448 18.30 -32.58 19.82
CA GLU A 448 18.68 -31.35 20.50
C GLU A 448 17.47 -30.69 21.16
N ALA A 449 16.27 -30.90 20.62
CA ALA A 449 15.09 -30.35 21.27
C ALA A 449 14.61 -31.20 22.43
N LYS A 450 15.36 -32.23 22.81
CA LYS A 450 15.19 -32.76 24.16
C LYS A 450 15.69 -31.77 25.20
N ALA A 451 16.59 -30.86 24.83
CA ALA A 451 16.85 -29.65 25.60
C ALA A 451 16.53 -28.49 24.67
N SER A 452 15.24 -28.16 24.57
CA SER A 452 14.77 -27.24 23.54
C SER A 452 14.81 -25.82 24.09
N ILE A 453 16.01 -25.23 24.04
CA ILE A 453 16.13 -23.81 24.33
C ILE A 453 15.59 -23.10 23.10
N ASN A 454 14.33 -22.73 23.16
CA ASN A 454 13.50 -22.51 21.99
C ASN A 454 13.56 -21.17 21.24
N PRO A 455 13.62 -19.98 21.88
CA PRO A 455 13.59 -18.75 21.07
C PRO A 455 14.82 -18.54 20.21
N VAL A 456 15.95 -19.11 20.56
CA VAL A 456 17.09 -19.21 19.68
C VAL A 456 17.13 -20.66 19.21
N THR A 457 18.04 -20.98 18.29
CA THR A 457 18.11 -22.32 17.72
C THR A 457 18.51 -23.38 18.72
N GLY A 458 19.08 -23.01 19.85
CA GLY A 458 19.34 -23.97 20.91
C GLY A 458 20.80 -24.32 21.06
N ARG A 459 21.67 -23.34 20.88
CA ARG A 459 23.08 -23.58 21.10
C ARG A 459 23.36 -23.59 22.59
N VAL A 460 23.99 -24.66 23.06
CA VAL A 460 24.31 -24.80 24.49
C VAL A 460 25.73 -24.26 24.66
N GLU A 461 25.82 -22.94 24.78
CA GLU A 461 27.05 -22.27 25.23
C GLU A 461 26.70 -21.09 26.13
N GLU A 462 25.78 -21.30 27.06
CA GLU A 462 25.41 -20.24 28.00
C GLU A 462 26.12 -20.50 29.32
N LYS A 463 27.41 -20.18 29.35
CA LYS A 463 28.14 -20.25 30.63
C LYS A 463 28.96 -19.03 31.07
N PRO A 464 28.51 -17.76 30.97
CA PRO A 464 29.01 -16.78 31.93
C PRO A 464 28.06 -16.63 33.11
N PRO A 465 28.48 -17.01 34.31
CA PRO A 465 27.62 -16.78 35.48
C PRO A 465 27.68 -15.35 36.01
N ASN A 466 28.89 -14.79 36.12
CA ASN A 466 29.25 -13.53 36.77
C ASN A 466 28.53 -13.15 38.08
N PRO A 467 28.37 -14.05 39.08
CA PRO A 467 27.80 -13.57 40.35
C PRO A 467 28.91 -13.26 41.34
N MET A 468 29.65 -12.16 41.05
CA MET A 468 30.87 -11.81 41.80
C MET A 468 30.74 -11.56 43.30
N GLU A 469 29.77 -10.76 43.70
CA GLU A 469 29.48 -10.64 45.13
C GLU A 469 28.03 -10.25 45.37
N GLY A 470 27.32 -11.06 46.15
CA GLY A 470 26.01 -10.72 46.64
C GLY A 470 24.99 -10.64 45.53
N MET A 471 24.40 -9.45 45.37
CA MET A 471 23.37 -9.19 44.39
C MET A 471 23.17 -7.70 44.29
N THR A 472 22.75 -7.25 43.10
CA THR A 472 22.22 -5.91 42.77
C THR A 472 23.21 -4.76 42.98
N GLU A 473 24.46 -5.05 43.36
CA GLU A 473 25.40 -4.00 43.76
C GLU A 473 25.87 -3.22 42.55
N GLU A 474 25.15 -2.11 42.25
CA GLU A 474 25.30 -1.27 41.06
C GLU A 474 25.03 -2.08 39.77
N GLN A 475 24.36 -3.19 39.92
CA GLN A 475 24.28 -4.28 38.98
C GLN A 475 22.85 -4.67 38.67
N LYS A 476 21.96 -4.67 39.67
CA LYS A 476 20.53 -4.82 39.49
C LYS A 476 19.78 -3.92 40.47
N GLU A 477 20.36 -2.78 40.80
CA GLU A 477 19.63 -1.69 41.43
C GLU A 477 19.17 -0.68 40.40
N HIS A 478 18.96 -1.13 39.16
CA HIS A 478 18.47 -0.27 38.09
C HIS A 478 16.96 -0.09 38.15
N GLU A 479 16.29 -0.62 39.17
CA GLU A 479 14.88 -0.35 39.40
C GLU A 479 14.63 1.11 39.79
N ALA A 480 15.63 1.80 40.33
CA ALA A 480 15.48 3.17 40.81
C ALA A 480 15.30 4.18 39.67
N MET A 481 15.53 3.79 38.42
CA MET A 481 15.18 4.59 37.26
C MET A 481 14.08 3.94 36.44
N LYS A 482 13.50 2.85 36.93
CA LYS A 482 12.58 2.01 36.19
C LYS A 482 11.12 2.26 36.52
N LEU A 483 10.81 2.50 37.80
CA LEU A 483 9.41 2.52 38.24
C LEU A 483 8.65 3.73 37.72
N VAL A 484 9.34 4.82 37.38
CA VAL A 484 8.70 5.92 36.68
C VAL A 484 8.26 5.47 35.29
N ASN A 485 9.09 4.68 34.64
CA ASN A 485 8.76 4.08 33.36
C ASN A 485 7.66 3.07 33.52
N LEU B 6 10.05 -13.44 30.52
CA LEU B 6 9.26 -12.41 31.17
C LEU B 6 9.23 -11.13 30.34
N LEU B 7 8.51 -10.14 30.84
CA LEU B 7 8.29 -8.90 30.10
C LEU B 7 8.59 -7.70 30.99
N LEU B 8 9.68 -7.00 30.69
CA LEU B 8 9.91 -5.69 31.24
C LEU B 8 9.20 -4.67 30.36
N GLY B 9 9.42 -3.40 30.61
CA GLY B 9 8.97 -2.40 29.67
C GLY B 9 8.25 -1.27 30.36
N ALA B 10 7.56 -0.48 29.55
CA ALA B 10 6.89 0.71 30.02
C ALA B 10 5.51 0.38 30.56
N GLY B 11 4.77 1.42 30.92
CA GLY B 11 3.39 1.27 31.33
C GLY B 11 2.49 1.95 30.35
N GLU B 12 2.82 1.85 29.06
CA GLU B 12 2.09 2.58 28.04
C GLU B 12 1.87 1.74 26.79
N SER B 13 1.78 0.41 26.94
CA SER B 13 1.49 -0.45 25.81
C SER B 13 0.53 -1.59 26.17
N GLY B 14 -0.21 -1.48 27.27
CA GLY B 14 -1.28 -2.41 27.56
C GLY B 14 -0.83 -3.81 27.93
N LYS B 15 -0.23 -3.96 29.10
CA LYS B 15 0.42 -5.23 29.44
C LYS B 15 -0.58 -6.34 29.76
N SER B 16 -1.81 -6.00 30.14
CA SER B 16 -2.81 -7.03 30.40
C SER B 16 -3.22 -7.78 29.14
N THR B 17 -2.91 -7.24 27.95
CA THR B 17 -3.06 -7.98 26.71
C THR B 17 -2.22 -9.24 26.68
N ILE B 18 -1.13 -9.29 27.45
CA ILE B 18 -0.36 -10.51 27.50
C ILE B 18 -1.03 -11.55 28.39
N VAL B 19 -1.91 -11.13 29.30
CA VAL B 19 -2.66 -12.07 30.09
C VAL B 19 -3.93 -12.43 29.35
N THR B 46 -8.90 14.00 47.37
CA THR B 46 -7.57 13.50 47.72
C THR B 46 -6.75 13.19 46.47
N ILE B 47 -7.41 13.24 45.31
CA ILE B 47 -6.75 13.07 44.03
C ILE B 47 -6.92 14.37 43.25
N GLN B 48 -5.84 14.87 42.69
CA GLN B 48 -5.84 16.20 42.08
C GLN B 48 -4.82 16.20 40.94
N SER B 49 -4.41 17.41 40.55
CA SER B 49 -3.33 17.67 39.60
C SER B 49 -3.63 17.12 38.21
N ILE B 50 -4.70 17.64 37.62
CA ILE B 50 -4.89 17.61 36.17
C ILE B 50 -5.27 19.02 35.74
N ILE B 51 -4.26 19.85 35.47
CA ILE B 51 -4.44 21.07 34.71
C ILE B 51 -3.28 21.16 33.72
N ALA B 52 -3.46 20.58 32.55
CA ALA B 52 -2.39 20.55 31.56
C ALA B 52 -2.90 20.77 30.15
N ILE B 53 -4.21 20.96 29.96
CA ILE B 53 -4.74 21.21 28.63
C ILE B 53 -4.34 22.60 28.15
N ILE B 54 -4.07 23.52 29.08
CA ILE B 54 -3.60 24.85 28.71
C ILE B 54 -2.24 24.76 28.07
N ARG B 55 -1.40 23.84 28.54
CA ARG B 55 -0.16 23.56 27.82
C ARG B 55 -0.40 22.71 26.59
N ALA B 56 -1.50 21.94 26.56
CA ALA B 56 -1.78 21.13 25.38
C ALA B 56 -2.35 21.98 24.26
N MET B 57 -3.32 22.85 24.57
CA MET B 57 -3.93 23.70 23.56
C MET B 57 -2.95 24.76 23.06
N GLY B 58 -2.06 25.23 23.93
CA GLY B 58 -1.00 26.11 23.48
C GLY B 58 -0.01 25.42 22.58
N ARG B 59 0.14 24.11 22.74
CA ARG B 59 0.94 23.29 21.85
C ARG B 59 0.12 22.62 20.77
N LEU B 60 -1.05 23.17 20.44
CA LEU B 60 -1.93 22.57 19.45
C LEU B 60 -2.13 23.45 18.23
N LYS B 61 -1.36 24.53 18.10
CA LYS B 61 -1.30 25.41 16.94
C LYS B 61 -2.63 26.09 16.61
N ILE B 62 -3.52 26.23 17.58
CA ILE B 62 -4.77 26.95 17.36
C ILE B 62 -5.17 27.68 18.63
N ASP B 63 -5.08 29.00 18.63
CA ASP B 63 -5.49 29.80 19.78
C ASP B 63 -7.00 29.84 19.81
N PHE B 64 -7.61 29.16 20.77
CA PHE B 64 -9.05 29.02 20.88
C PHE B 64 -9.51 29.24 22.31
N GLY B 65 -9.02 30.29 22.94
CA GLY B 65 -9.46 30.63 24.28
C GLY B 65 -10.85 31.22 24.27
N ASP B 66 -11.42 31.35 25.46
CA ASP B 66 -12.78 31.86 25.61
C ASP B 66 -12.93 32.94 26.65
N ALA B 67 -11.89 33.27 27.41
CA ALA B 67 -11.96 34.29 28.43
C ALA B 67 -10.55 34.83 28.64
N ALA B 68 -10.34 35.53 29.76
CA ALA B 68 -8.99 36.00 30.12
C ALA B 68 -8.19 34.79 30.59
N ARG B 69 -7.66 34.04 29.62
CA ARG B 69 -7.02 32.76 29.90
C ARG B 69 -5.73 32.93 30.68
N ALA B 70 -5.03 34.05 30.47
CA ALA B 70 -3.84 34.34 31.27
C ALA B 70 -4.18 34.62 32.73
N ASP B 71 -5.42 34.98 33.03
CA ASP B 71 -5.85 35.09 34.40
C ASP B 71 -6.27 33.76 35.00
N ASP B 72 -6.33 32.69 34.19
CA ASP B 72 -6.80 31.39 34.67
C ASP B 72 -5.64 30.43 34.94
N ALA B 73 -4.85 30.12 33.91
CA ALA B 73 -3.81 29.11 34.02
C ALA B 73 -2.69 29.55 34.94
N ARG B 74 -2.35 30.85 34.89
CA ARG B 74 -1.44 31.42 35.88
C ARG B 74 -2.04 31.32 37.29
N GLN B 75 -3.36 31.53 37.40
CA GLN B 75 -4.04 31.25 38.65
C GLN B 75 -3.98 29.77 38.98
N LEU B 76 -4.01 28.91 37.96
CA LEU B 76 -3.76 27.50 38.18
C LEU B 76 -2.34 27.23 38.64
N PHE B 77 -1.41 28.11 38.26
CA PHE B 77 -0.05 28.08 38.80
C PHE B 77 0.12 29.09 39.93
N VAL B 78 -0.98 29.48 40.59
CA VAL B 78 -0.89 30.44 41.67
C VAL B 78 -0.31 29.79 42.92
N LEU B 79 -0.86 28.63 43.31
CA LEU B 79 -0.37 27.95 44.51
C LEU B 79 -0.27 26.44 44.31
N ALA B 80 -0.17 25.98 43.07
CA ALA B 80 -0.06 24.55 42.82
C ALA B 80 1.33 24.06 43.20
N GLY B 81 1.44 22.74 43.34
CA GLY B 81 2.68 22.08 43.71
C GLY B 81 2.68 21.52 45.12
N ALA B 82 1.82 22.03 45.99
CA ALA B 82 1.73 21.53 47.36
C ALA B 82 0.29 21.18 47.69
N ALA B 83 0.03 20.90 48.97
CA ALA B 83 -1.32 20.57 49.40
C ALA B 83 -2.16 21.85 49.48
N GLU B 84 -3.20 21.91 48.67
CA GLU B 84 -4.14 23.03 48.70
C GLU B 84 -5.16 22.80 49.80
N GLU B 85 -6.21 23.62 49.84
CA GLU B 85 -7.31 23.42 50.78
C GLU B 85 -8.26 22.38 50.20
N GLY B 86 -7.80 21.14 50.19
CA GLY B 86 -8.44 20.08 49.44
C GLY B 86 -7.75 19.86 48.11
N PHE B 87 -8.27 18.88 47.38
CA PHE B 87 -7.74 18.56 46.06
C PHE B 87 -7.94 19.71 45.09
N MET B 88 -9.07 20.38 45.18
CA MET B 88 -9.26 21.71 44.63
C MET B 88 -9.55 22.66 45.78
N THR B 89 -9.88 23.90 45.44
CA THR B 89 -10.29 24.89 46.41
C THR B 89 -11.28 25.82 45.72
N ALA B 90 -12.32 26.24 46.46
CA ALA B 90 -13.47 26.94 45.89
C ALA B 90 -13.12 28.28 45.25
N GLU B 91 -11.95 28.85 45.55
CA GLU B 91 -11.49 30.03 44.84
C GLU B 91 -11.25 29.72 43.36
N LEU B 92 -10.29 28.85 43.07
CA LEU B 92 -9.92 28.59 41.69
C LEU B 92 -10.57 27.34 41.11
N ALA B 93 -11.37 26.61 41.88
CA ALA B 93 -12.22 25.60 41.27
C ALA B 93 -13.28 26.24 40.40
N GLY B 94 -13.70 27.46 40.76
CA GLY B 94 -14.59 28.23 39.91
C GLY B 94 -13.97 28.53 38.56
N VAL B 95 -12.72 29.00 38.53
CA VAL B 95 -12.11 29.30 37.24
C VAL B 95 -11.65 28.04 36.52
N ILE B 96 -11.44 26.94 37.24
CA ILE B 96 -11.15 25.67 36.56
C ILE B 96 -12.40 25.15 35.86
N LYS B 97 -13.55 25.24 36.52
CA LYS B 97 -14.82 24.94 35.87
C LYS B 97 -15.18 25.97 34.80
N ARG B 98 -14.65 27.19 34.90
CA ARG B 98 -14.82 28.15 33.82
C ARG B 98 -13.96 27.79 32.61
N LEU B 99 -12.77 27.26 32.87
CA LEU B 99 -11.92 26.76 31.79
C LEU B 99 -12.56 25.57 31.11
N TRP B 100 -13.19 24.69 31.89
CA TRP B 100 -13.95 23.60 31.28
C TRP B 100 -15.22 24.11 30.61
N LYS B 101 -15.75 25.25 31.09
CA LYS B 101 -16.95 25.83 30.50
C LYS B 101 -16.72 26.30 29.09
N ASP B 102 -15.48 26.59 28.72
CA ASP B 102 -15.12 26.68 27.32
C ASP B 102 -15.28 25.32 26.68
N SER B 103 -16.31 25.15 25.85
CA SER B 103 -16.48 23.91 25.13
C SER B 103 -15.41 23.72 24.06
N GLY B 104 -14.79 24.80 23.61
CA GLY B 104 -13.63 24.67 22.75
C GLY B 104 -12.45 24.04 23.45
N VAL B 105 -12.34 24.25 24.77
CA VAL B 105 -11.33 23.55 25.54
C VAL B 105 -11.65 22.06 25.58
N GLN B 106 -12.94 21.71 25.62
CA GLN B 106 -13.33 20.31 25.51
C GLN B 106 -13.04 19.75 24.13
N ALA B 107 -13.17 20.59 23.10
CA ALA B 107 -12.80 20.15 21.75
C ALA B 107 -11.30 19.92 21.63
N CYS B 108 -10.51 20.79 22.28
CA CYS B 108 -9.06 20.60 22.30
C CYS B 108 -8.68 19.35 23.09
N PHE B 109 -9.39 19.07 24.18
CA PHE B 109 -9.14 17.85 24.93
C PHE B 109 -9.54 16.62 24.13
N ASN B 110 -10.61 16.72 23.35
CA ASN B 110 -11.02 15.60 22.52
C ASN B 110 -10.08 15.40 21.34
N ARG B 111 -9.42 16.47 20.88
CA ARG B 111 -8.40 16.35 19.86
C ARG B 111 -7.03 16.04 20.44
N SER B 112 -6.89 16.07 21.76
CA SER B 112 -5.59 15.89 22.43
C SER B 112 -5.20 14.42 22.47
N ARG B 113 -4.90 13.88 21.28
CA ARG B 113 -4.31 12.55 21.22
C ARG B 113 -2.84 12.58 21.61
N GLU B 114 -2.16 13.70 21.34
CA GLU B 114 -0.76 13.88 21.71
C GLU B 114 -0.59 14.51 23.08
N TYR B 115 -1.62 14.46 23.92
CA TYR B 115 -1.57 15.00 25.28
C TYR B 115 -2.15 13.93 26.19
N GLN B 116 -1.29 13.06 26.70
CA GLN B 116 -1.70 11.94 27.53
C GLN B 116 -2.01 12.45 28.92
N LEU B 117 -3.24 12.92 29.12
CA LEU B 117 -3.72 13.28 30.44
C LEU B 117 -4.39 12.06 31.07
N ASN B 118 -5.11 12.25 32.16
CA ASN B 118 -5.86 11.16 32.76
C ASN B 118 -7.06 10.83 31.90
N ASP B 119 -7.29 9.53 31.69
CA ASP B 119 -8.34 9.08 30.77
C ASP B 119 -9.74 9.32 31.32
N SER B 120 -9.88 9.55 32.62
CA SER B 120 -11.16 9.90 33.23
C SER B 120 -11.22 11.38 33.57
N ALA B 121 -10.66 12.23 32.70
CA ALA B 121 -10.61 13.66 32.97
C ALA B 121 -11.99 14.29 32.97
N ALA B 122 -12.88 13.81 32.10
CA ALA B 122 -14.28 14.25 32.16
C ALA B 122 -14.94 13.75 33.44
N TYR B 123 -14.62 12.53 33.86
CA TYR B 123 -15.13 12.01 35.12
C TYR B 123 -14.58 12.80 36.30
N TYR B 124 -13.29 13.15 36.25
CA TYR B 124 -12.69 13.96 37.30
C TYR B 124 -13.29 15.36 37.33
N LEU B 125 -13.63 15.90 36.17
CA LEU B 125 -14.21 17.23 36.12
C LEU B 125 -15.64 17.23 36.62
N ASN B 126 -16.41 16.19 36.28
CA ASN B 126 -17.77 16.08 36.78
C ASN B 126 -17.79 15.82 38.28
N ASP B 127 -16.78 15.13 38.81
CA ASP B 127 -16.63 15.03 40.25
C ASP B 127 -16.21 16.36 40.86
N LEU B 128 -15.33 17.11 40.18
CA LEU B 128 -14.77 18.30 40.78
C LEU B 128 -15.78 19.43 40.83
N ASP B 129 -16.63 19.53 39.81
CA ASP B 129 -17.65 20.58 39.79
C ASP B 129 -18.72 20.32 40.86
N ARG B 130 -18.93 19.07 41.23
CA ARG B 130 -19.76 18.76 42.38
C ARG B 130 -18.95 18.69 43.66
N ILE B 131 -17.62 18.81 43.57
CA ILE B 131 -16.76 18.74 44.73
C ILE B 131 -16.26 20.10 45.18
N ALA B 132 -16.55 21.16 44.43
CA ALA B 132 -16.05 22.48 44.78
C ALA B 132 -16.68 23.02 46.06
N GLN B 133 -17.93 22.69 46.31
CA GLN B 133 -18.53 23.00 47.60
C GLN B 133 -17.92 22.10 48.67
N PRO B 134 -17.82 22.58 49.92
CA PRO B 134 -17.18 21.78 50.98
C PRO B 134 -17.99 20.57 51.41
N ASN B 135 -17.39 19.76 52.29
CA ASN B 135 -17.93 18.48 52.76
C ASN B 135 -18.22 17.55 51.59
N TYR B 136 -17.15 17.19 50.88
CA TYR B 136 -17.23 16.54 49.58
C TYR B 136 -16.35 15.31 49.54
N ILE B 137 -16.85 14.25 48.91
CA ILE B 137 -16.11 12.99 48.77
C ILE B 137 -16.65 12.18 47.60
N PRO B 138 -15.81 11.77 46.66
CA PRO B 138 -16.23 10.76 45.67
C PRO B 138 -15.88 9.36 46.15
N THR B 139 -16.57 8.37 45.57
CA THR B 139 -16.44 7.01 46.09
C THR B 139 -16.46 5.93 45.00
N GLN B 140 -15.97 6.22 43.80
CA GLN B 140 -16.11 5.20 42.76
C GLN B 140 -14.81 4.83 42.05
N GLN B 141 -13.93 5.80 41.80
CA GLN B 141 -12.68 5.48 41.10
C GLN B 141 -11.70 4.76 42.02
N ASP B 142 -11.57 5.23 43.26
CA ASP B 142 -10.74 4.55 44.24
C ASP B 142 -11.58 4.21 45.46
N VAL B 143 -11.24 3.10 46.09
CA VAL B 143 -11.80 2.73 47.38
C VAL B 143 -10.93 3.39 48.45
N LEU B 144 -11.57 3.97 49.46
CA LEU B 144 -10.86 4.73 50.49
C LEU B 144 -9.89 3.86 51.27
N ARG B 145 -10.22 2.60 51.47
CA ARG B 145 -9.30 1.71 52.15
C ARG B 145 -8.62 0.80 51.14
N VAL B 148 -6.20 -0.57 43.91
CA VAL B 148 -6.20 0.15 42.64
C VAL B 148 -5.67 -0.76 41.53
N LYS B 149 -5.83 -0.30 40.29
CA LYS B 149 -5.36 -1.07 39.14
C LYS B 149 -3.85 -0.90 39.02
N THR B 150 -3.11 -1.98 39.25
CA THR B 150 -1.67 -1.99 39.06
C THR B 150 -1.31 -3.33 38.44
N THR B 151 -0.26 -3.33 37.59
CA THR B 151 0.12 -4.52 36.84
C THR B 151 0.63 -5.63 37.76
N GLY B 152 1.69 -5.34 38.50
CA GLY B 152 2.06 -6.19 39.62
C GLY B 152 2.83 -7.44 39.22
N ILE B 153 2.65 -8.48 40.02
CA ILE B 153 3.45 -9.69 39.95
C ILE B 153 2.58 -10.85 39.53
N VAL B 154 3.20 -11.84 38.89
CA VAL B 154 2.52 -13.11 38.62
C VAL B 154 3.32 -14.28 39.18
N GLU B 155 4.55 -14.47 38.68
CA GLU B 155 5.39 -15.64 38.95
C GLU B 155 4.62 -16.95 38.72
N THR B 156 3.90 -17.00 37.61
CA THR B 156 2.99 -18.09 37.35
C THR B 156 3.68 -19.22 36.59
N HIS B 157 3.05 -20.39 36.65
CA HIS B 157 3.35 -21.48 35.76
C HIS B 157 2.18 -21.64 34.80
N PHE B 158 2.48 -21.74 33.51
CA PHE B 158 1.43 -21.89 32.51
C PHE B 158 1.43 -23.26 31.87
N THR B 159 2.51 -24.03 32.02
CA THR B 159 2.54 -25.49 31.83
C THR B 159 2.17 -25.87 30.39
N PHE B 160 2.72 -25.15 29.44
CA PHE B 160 2.37 -25.37 28.04
C PHE B 160 3.44 -26.19 27.33
N LYS B 161 3.57 -27.45 27.79
CA LYS B 161 4.55 -28.43 27.34
C LYS B 161 5.99 -27.96 27.51
N ASP B 162 6.21 -26.98 28.38
CA ASP B 162 7.50 -26.42 28.77
C ASP B 162 7.36 -26.03 30.22
N LEU B 163 8.26 -25.19 30.72
CA LEU B 163 8.02 -24.61 32.02
C LEU B 163 7.33 -23.25 31.90
N HIS B 164 7.96 -22.33 31.18
CA HIS B 164 7.43 -21.00 30.83
C HIS B 164 7.05 -20.20 32.08
N PHE B 165 8.11 -19.84 32.79
CA PHE B 165 8.07 -18.70 33.70
C PHE B 165 7.52 -17.47 32.99
N LYS B 166 6.78 -16.65 33.73
CA LYS B 166 6.26 -15.40 33.21
C LYS B 166 6.21 -14.39 34.34
N MET B 167 6.67 -13.18 34.05
CA MET B 167 6.87 -12.20 35.10
C MET B 167 6.82 -10.80 34.51
N PHE B 168 6.58 -9.82 35.37
CA PHE B 168 6.48 -8.43 34.97
C PHE B 168 7.21 -7.55 35.97
N ASP B 169 7.85 -6.49 35.48
CA ASP B 169 8.53 -5.53 36.34
C ASP B 169 8.19 -4.12 35.85
N VAL B 170 7.09 -3.58 36.37
CA VAL B 170 6.72 -2.19 36.10
C VAL B 170 6.63 -1.49 37.44
N GLY B 171 6.22 -2.23 38.47
CA GLY B 171 6.18 -1.67 39.80
C GLY B 171 7.57 -1.54 40.39
N GLY B 172 7.71 -0.60 41.31
CA GLY B 172 8.94 -0.47 42.07
C GLY B 172 8.83 -1.19 43.39
N GLN B 173 7.85 -2.09 43.46
CA GLN B 173 7.56 -2.84 44.67
C GLN B 173 8.59 -3.91 44.95
N ARG B 174 9.43 -4.28 43.99
CA ARG B 174 10.50 -5.25 44.22
C ARG B 174 11.78 -4.55 44.68
N SER B 175 11.64 -3.68 45.68
CA SER B 175 12.76 -2.99 46.29
C SER B 175 12.96 -3.38 47.74
N GLU B 176 12.04 -4.16 48.31
CA GLU B 176 12.28 -4.85 49.57
C GLU B 176 13.02 -6.15 49.25
N ARG B 177 13.09 -7.07 50.20
CA ARG B 177 13.96 -8.23 50.05
C ARG B 177 13.42 -9.26 49.06
N LYS B 178 13.22 -8.85 47.82
CA LYS B 178 12.91 -9.73 46.71
C LYS B 178 13.67 -9.26 45.47
N LYS B 179 14.97 -8.99 45.65
CA LYS B 179 15.82 -8.35 44.65
C LYS B 179 16.10 -9.31 43.49
N TRP B 180 15.12 -9.39 42.58
CA TRP B 180 15.10 -10.29 41.42
C TRP B 180 15.25 -11.74 41.86
N ILE B 181 14.17 -12.23 42.48
CA ILE B 181 14.08 -13.34 43.41
C ILE B 181 14.91 -14.58 43.07
N HIS B 182 15.69 -15.03 44.06
CA HIS B 182 16.31 -16.36 44.09
C HIS B 182 17.23 -16.61 42.91
N CYS B 183 17.95 -15.55 42.50
CA CYS B 183 18.99 -15.60 41.47
C CYS B 183 18.40 -16.05 40.13
N PHE B 184 17.18 -15.63 39.85
CA PHE B 184 16.45 -16.08 38.66
C PHE B 184 16.99 -15.32 37.46
N GLU B 185 18.09 -15.81 36.93
CA GLU B 185 18.63 -15.31 35.68
C GLU B 185 18.65 -16.46 34.68
N GLY B 186 19.35 -16.24 33.58
CA GLY B 186 19.21 -17.15 32.47
C GLY B 186 17.87 -16.98 31.83
N VAL B 187 17.35 -15.75 31.86
CA VAL B 187 16.03 -15.44 31.36
C VAL B 187 16.01 -15.70 29.87
N THR B 188 15.09 -16.56 29.44
CA THR B 188 15.06 -17.04 28.06
C THR B 188 14.77 -15.91 27.08
N ALA B 189 14.04 -14.89 27.51
CA ALA B 189 13.79 -13.73 26.68
C ALA B 189 13.43 -12.55 27.58
N ILE B 190 13.92 -11.37 27.23
CA ILE B 190 13.48 -10.15 27.87
C ILE B 190 12.77 -9.29 26.84
N ILE B 191 11.89 -8.42 27.33
CA ILE B 191 10.96 -7.67 26.49
C ILE B 191 11.06 -6.20 26.89
N PHE B 192 11.30 -5.33 25.91
CA PHE B 192 11.39 -3.90 26.15
C PHE B 192 10.49 -3.20 25.14
N CYS B 193 9.22 -3.07 25.48
CA CYS B 193 8.26 -2.45 24.58
C CYS B 193 8.12 -0.98 24.88
N VAL B 194 7.84 -0.21 23.83
CA VAL B 194 7.65 1.24 23.95
C VAL B 194 6.83 1.68 22.75
N ALA B 195 6.18 2.83 22.88
CA ALA B 195 5.52 3.49 21.75
C ALA B 195 6.32 4.72 21.38
N LEU B 196 6.38 5.00 20.09
CA LEU B 196 7.38 5.90 19.53
C LEU B 196 6.82 7.27 19.18
N SER B 197 5.57 7.54 19.51
CA SER B 197 4.87 8.73 19.02
C SER B 197 4.63 9.72 20.15
N ASP B 198 5.63 9.86 21.03
CA ASP B 198 5.45 10.62 22.25
C ASP B 198 6.65 11.47 22.66
N TYR B 199 7.70 11.54 21.84
CA TYR B 199 8.97 12.14 22.29
C TYR B 199 8.89 13.65 22.45
N ASP B 200 7.97 14.31 21.76
CA ASP B 200 7.85 15.74 21.92
C ASP B 200 7.17 16.13 23.24
N LEU B 201 6.50 15.19 23.87
CA LEU B 201 5.92 15.41 25.20
C LEU B 201 6.89 14.86 26.23
N VAL B 202 7.26 15.69 27.19
CA VAL B 202 8.42 15.45 28.05
C VAL B 202 7.95 15.06 29.43
N LEU B 203 8.45 13.92 29.92
CA LEU B 203 8.15 13.47 31.28
C LEU B 203 8.83 14.35 32.32
N ALA B 204 10.17 14.34 32.33
CA ALA B 204 10.91 15.06 33.35
C ALA B 204 10.81 16.55 33.11
N GLU B 205 10.47 17.28 34.18
CA GLU B 205 10.06 18.66 34.04
C GLU B 205 11.26 19.56 33.79
N ASP B 206 10.97 20.72 33.20
CA ASP B 206 11.91 21.80 32.85
C ASP B 206 12.99 21.37 31.85
N GLU B 207 12.84 20.22 31.20
CA GLU B 207 13.76 19.76 30.18
C GLU B 207 12.95 19.42 28.93
N GLU B 208 13.67 19.10 27.87
CA GLU B 208 13.07 18.55 26.67
C GLU B 208 13.74 17.23 26.31
N MET B 209 14.17 16.49 27.33
CA MET B 209 14.81 15.20 27.16
C MET B 209 13.78 14.22 26.63
N ASN B 210 13.89 13.91 25.34
CA ASN B 210 12.84 13.20 24.63
C ASN B 210 12.72 11.75 25.09
N ARG B 211 11.51 11.22 24.88
CA ARG B 211 11.17 9.92 25.45
C ARG B 211 11.91 8.79 24.76
N MET B 212 11.99 8.83 23.43
CA MET B 212 12.77 7.82 22.72
C MET B 212 14.25 7.96 23.01
N HIS B 213 14.69 9.21 23.22
CA HIS B 213 16.07 9.47 23.62
C HIS B 213 16.37 8.85 24.97
N GLU B 214 15.43 8.94 25.91
CA GLU B 214 15.64 8.33 27.22
C GLU B 214 15.49 6.81 27.18
N SER B 215 14.65 6.31 26.28
CA SER B 215 14.50 4.87 26.13
C SER B 215 15.78 4.26 25.56
N MET B 216 16.35 4.89 24.54
CA MET B 216 17.65 4.45 24.06
C MET B 216 18.78 4.83 25.02
N LYS B 217 18.53 5.72 25.98
CA LYS B 217 19.51 5.90 27.05
C LYS B 217 19.57 4.67 27.93
N LEU B 218 18.42 4.23 28.47
CA LEU B 218 18.53 3.12 29.40
C LEU B 218 18.63 1.75 28.71
N PHE B 219 18.42 1.69 27.39
CA PHE B 219 18.70 0.45 26.66
C PHE B 219 20.18 0.09 26.68
N ASP B 220 21.04 1.10 26.76
CA ASP B 220 22.47 0.85 26.89
C ASP B 220 22.80 0.23 28.23
N SER B 221 22.05 0.56 29.28
CA SER B 221 22.24 -0.10 30.56
C SER B 221 21.62 -1.49 30.55
N ILE B 222 20.63 -1.71 29.70
CA ILE B 222 20.01 -3.03 29.62
C ILE B 222 20.93 -4.01 28.89
N CYS B 223 21.38 -3.65 27.68
CA CYS B 223 21.92 -4.64 26.75
C CYS B 223 23.32 -5.10 27.15
N ASN B 224 24.24 -4.15 27.33
CA ASN B 224 25.65 -4.46 27.57
C ASN B 224 25.90 -5.10 28.93
N ASN B 225 24.90 -5.17 29.80
CA ASN B 225 25.06 -5.74 31.12
C ASN B 225 25.38 -7.23 31.03
N LYS B 226 26.09 -7.72 32.06
CA LYS B 226 26.63 -9.08 32.05
C LYS B 226 25.68 -10.10 32.68
N TRP B 227 24.38 -9.86 32.56
CA TRP B 227 23.35 -10.79 33.01
C TRP B 227 22.73 -11.51 31.84
N PHE B 228 22.28 -10.75 30.85
CA PHE B 228 21.54 -11.26 29.71
C PHE B 228 22.45 -11.04 28.51
N THR B 229 23.39 -11.96 28.33
CA THR B 229 24.49 -11.68 27.42
C THR B 229 24.27 -12.21 26.02
N ASP B 230 23.53 -13.30 25.88
CA ASP B 230 23.25 -13.89 24.59
C ASP B 230 21.77 -14.02 24.32
N THR B 231 20.94 -13.96 25.36
CA THR B 231 19.53 -14.24 25.22
C THR B 231 18.81 -13.14 24.46
N SER B 232 17.63 -13.49 23.96
CA SER B 232 16.97 -12.71 22.93
C SER B 232 16.43 -11.40 23.49
N ILE B 233 16.88 -10.29 22.94
CA ILE B 233 16.34 -8.98 23.31
C ILE B 233 15.21 -8.70 22.32
N ILE B 234 14.05 -9.26 22.63
CA ILE B 234 12.89 -9.09 21.76
C ILE B 234 12.38 -7.66 21.94
N LEU B 235 12.57 -6.84 20.93
CA LEU B 235 12.34 -5.41 21.02
C LEU B 235 11.02 -5.09 20.32
N PHE B 236 9.94 -5.10 21.10
CA PHE B 236 8.64 -4.70 20.60
C PHE B 236 8.63 -3.21 20.30
N LEU B 237 7.74 -2.81 19.40
CA LEU B 237 7.53 -1.41 19.04
C LEU B 237 6.03 -1.23 18.83
N ASN B 238 5.33 -0.85 19.90
CA ASN B 238 3.89 -0.74 19.78
C ASN B 238 3.50 0.60 19.17
N LYS B 239 2.20 0.74 18.90
CA LYS B 239 1.57 1.98 18.42
C LYS B 239 2.15 2.41 17.07
N LYS B 240 1.85 1.62 16.05
CA LYS B 240 2.30 1.96 14.71
C LYS B 240 1.51 3.14 14.11
N ASP B 241 0.19 3.17 14.33
CA ASP B 241 -0.65 4.13 13.61
C ASP B 241 -0.50 5.55 14.12
N LEU B 242 -0.24 5.72 15.42
CA LEU B 242 0.00 7.06 15.95
C LEU B 242 1.28 7.65 15.39
N PHE B 243 2.28 6.81 15.15
CA PHE B 243 3.46 7.24 14.41
C PHE B 243 3.10 7.58 12.97
N GLU B 244 2.24 6.74 12.36
CA GLU B 244 1.85 6.92 10.96
C GLU B 244 1.11 8.23 10.73
N GLU B 245 0.41 8.73 11.73
CA GLU B 245 -0.28 10.00 11.61
C GLU B 245 0.35 11.13 12.40
N LYS B 246 1.44 10.88 13.12
CA LYS B 246 2.17 11.96 13.78
C LYS B 246 3.52 12.21 13.13
N ILE B 247 3.83 11.50 12.04
CA ILE B 247 4.95 11.92 11.20
C ILE B 247 4.71 13.20 10.44
N LYS B 248 3.47 13.72 10.41
CA LYS B 248 3.23 15.05 9.89
C LYS B 248 3.90 16.11 10.76
N LYS B 249 3.96 15.88 12.06
CA LYS B 249 5.01 16.48 12.86
C LYS B 249 6.35 15.93 12.38
N SER B 250 7.21 16.84 11.92
CA SER B 250 8.41 16.43 11.21
C SER B 250 9.41 15.77 12.16
N PRO B 251 10.16 14.78 11.70
CA PRO B 251 11.07 14.05 12.59
C PRO B 251 12.40 14.74 12.83
N LEU B 252 12.51 16.04 12.56
CA LEU B 252 13.76 16.74 12.76
C LEU B 252 13.66 17.90 13.74
N THR B 253 12.63 17.92 14.60
CA THR B 253 12.47 19.08 15.47
C THR B 253 13.48 19.06 16.61
N ILE B 254 13.35 18.12 17.53
CA ILE B 254 14.31 18.03 18.61
C ILE B 254 14.65 16.56 18.85
N CYS B 255 13.87 15.67 18.24
CA CYS B 255 14.01 14.24 18.51
C CYS B 255 15.29 13.68 17.90
N TYR B 256 15.45 13.81 16.59
CA TYR B 256 16.69 13.47 15.90
C TYR B 256 17.24 14.73 15.26
N PRO B 257 17.87 15.61 16.06
CA PRO B 257 18.47 16.82 15.47
C PRO B 257 19.71 16.55 14.67
N GLU B 258 20.26 15.34 14.76
CA GLU B 258 21.41 14.96 13.96
C GLU B 258 21.05 14.89 12.49
N TYR B 259 19.99 14.15 12.16
CA TYR B 259 19.74 13.86 10.77
C TYR B 259 18.27 13.52 10.63
N ALA B 260 17.78 13.58 9.39
CA ALA B 260 16.40 13.22 9.10
C ALA B 260 16.28 12.83 7.65
N GLY B 261 15.54 11.76 7.39
CA GLY B 261 15.29 11.32 6.04
C GLY B 261 14.06 12.00 5.47
N SER B 262 13.14 11.21 4.93
CA SER B 262 11.90 11.76 4.41
C SER B 262 10.88 11.84 5.54
N ASN B 263 9.62 12.10 5.18
CA ASN B 263 8.53 12.10 6.13
C ASN B 263 7.63 10.88 6.00
N THR B 264 7.97 9.95 5.11
CA THR B 264 7.20 8.74 4.93
C THR B 264 7.53 7.76 6.07
N TYR B 265 6.59 6.86 6.35
CA TYR B 265 6.70 5.98 7.50
C TYR B 265 7.82 4.97 7.34
N GLU B 266 8.04 4.48 6.11
CA GLU B 266 8.96 3.35 5.90
C GLU B 266 10.41 3.73 6.19
N GLU B 267 10.86 4.85 5.64
CA GLU B 267 12.26 5.23 5.81
C GLU B 267 12.55 5.65 7.25
N ALA B 268 11.60 6.34 7.88
CA ALA B 268 11.79 6.73 9.28
C ALA B 268 11.77 5.52 10.19
N ALA B 269 10.91 4.54 9.89
CA ALA B 269 10.85 3.33 10.69
C ALA B 269 12.10 2.50 10.54
N ALA B 270 12.62 2.40 9.31
CA ALA B 270 13.88 1.71 9.09
C ALA B 270 15.03 2.44 9.78
N TYR B 271 14.95 3.77 9.82
CA TYR B 271 15.98 4.58 10.48
C TYR B 271 16.02 4.30 11.97
N ILE B 272 14.86 4.38 12.63
CA ILE B 272 14.82 4.15 14.07
C ILE B 272 15.11 2.70 14.40
N GLN B 273 14.75 1.76 13.52
CA GLN B 273 15.02 0.36 13.79
C GLN B 273 16.50 0.04 13.70
N CYS B 274 17.16 0.53 12.65
CA CYS B 274 18.59 0.31 12.51
C CYS B 274 19.37 1.01 13.61
N GLN B 275 18.90 2.19 14.02
CA GLN B 275 19.53 2.91 15.12
C GLN B 275 19.45 2.14 16.43
N PHE B 276 18.24 1.72 16.80
CA PHE B 276 18.03 1.02 18.06
C PHE B 276 18.67 -0.35 18.06
N GLU B 277 18.75 -0.99 16.88
CA GLU B 277 19.40 -2.30 16.82
C GLU B 277 20.90 -2.16 16.93
N ASP B 278 21.49 -1.20 16.24
CA ASP B 278 22.94 -1.03 16.28
C ASP B 278 23.43 -0.39 17.57
N LEU B 279 22.52 0.13 18.42
CA LEU B 279 22.96 0.62 19.71
C LEU B 279 23.45 -0.51 20.62
N ASN B 280 22.97 -1.73 20.40
CA ASN B 280 23.44 -2.88 21.16
C ASN B 280 24.90 -3.15 20.85
N LYS B 281 25.74 -3.17 21.89
CA LYS B 281 27.17 -3.38 21.70
C LYS B 281 27.50 -4.79 21.24
N ARG B 282 26.62 -5.75 21.51
CA ARG B 282 26.77 -7.10 20.96
C ARG B 282 26.01 -7.13 19.65
N LYS B 283 26.73 -6.95 18.54
CA LYS B 283 26.11 -6.84 17.23
C LYS B 283 25.92 -8.17 16.53
N ASP B 284 26.71 -9.19 16.86
CA ASP B 284 26.66 -10.42 16.09
C ASP B 284 26.44 -11.67 16.94
N THR B 285 26.99 -11.72 18.15
CA THR B 285 26.77 -12.89 19.00
C THR B 285 25.34 -12.94 19.50
N LYS B 286 24.77 -11.79 19.82
CA LYS B 286 23.36 -11.70 20.12
C LYS B 286 22.55 -11.86 18.84
N GLU B 287 21.26 -12.13 19.01
CA GLU B 287 20.32 -12.27 17.89
C GLU B 287 19.07 -11.48 18.24
N ILE B 288 19.08 -10.20 17.91
CA ILE B 288 18.02 -9.28 18.35
C ILE B 288 16.78 -9.51 17.50
N TYR B 289 15.64 -9.68 18.15
CA TYR B 289 14.37 -9.92 17.47
C TYR B 289 13.58 -8.63 17.45
N THR B 290 13.23 -8.18 16.25
CA THR B 290 12.53 -6.92 16.06
C THR B 290 11.13 -7.22 15.52
N HIS B 291 10.14 -6.48 16.02
CA HIS B 291 8.76 -6.71 15.62
C HIS B 291 8.05 -5.39 15.41
N PHE B 292 6.82 -5.48 14.92
CA PHE B 292 5.94 -4.34 14.73
C PHE B 292 4.51 -4.85 14.83
N THR B 293 3.61 -3.97 15.27
CA THR B 293 2.25 -4.45 15.54
C THR B 293 1.25 -3.31 15.45
N CYS B 294 -0.01 -3.69 15.24
CA CYS B 294 -1.15 -2.79 15.33
C CYS B 294 -1.79 -2.94 16.71
N ALA B 295 -2.28 -1.84 17.27
CA ALA B 295 -2.53 -1.81 18.71
C ALA B 295 -3.81 -2.51 19.10
N THR B 296 -4.96 -1.98 18.70
CA THR B 296 -6.25 -2.61 18.99
C THR B 296 -7.12 -2.63 17.72
N ASP B 297 -6.84 -3.62 16.87
CA ASP B 297 -7.64 -3.90 15.67
C ASP B 297 -7.54 -5.42 15.43
N THR B 298 -8.49 -6.15 16.00
CA THR B 298 -8.57 -7.58 15.80
C THR B 298 -9.37 -7.91 14.56
N LYS B 299 -10.30 -7.02 14.19
CA LYS B 299 -11.23 -7.24 13.09
C LYS B 299 -10.49 -7.34 11.75
N ASN B 300 -11.06 -8.15 10.86
CA ASN B 300 -10.42 -8.49 9.60
C ASN B 300 -10.43 -7.36 8.59
N VAL B 301 -11.10 -6.23 8.89
CA VAL B 301 -11.11 -5.09 7.98
C VAL B 301 -9.72 -4.47 7.88
N GLN B 302 -8.90 -4.60 8.91
CA GLN B 302 -7.48 -4.29 8.79
C GLN B 302 -6.68 -5.59 8.64
N PHE B 303 -6.92 -6.31 7.55
CA PHE B 303 -5.97 -7.35 7.17
C PHE B 303 -5.50 -7.21 5.74
N VAL B 304 -6.43 -6.98 4.82
CA VAL B 304 -6.12 -6.73 3.42
C VAL B 304 -6.98 -5.58 2.95
N PHE B 305 -8.05 -5.29 3.71
CA PHE B 305 -9.10 -4.39 3.29
C PHE B 305 -8.80 -2.94 3.63
N ASP B 306 -7.90 -2.68 4.58
CA ASP B 306 -7.64 -1.31 4.99
C ASP B 306 -6.61 -0.63 4.10
N ALA B 307 -5.43 -1.22 3.97
CA ALA B 307 -4.34 -0.57 3.25
C ALA B 307 -3.84 -1.33 2.04
N VAL B 308 -3.91 -2.67 2.06
CA VAL B 308 -3.32 -3.48 1.01
C VAL B 308 -4.04 -3.25 -0.31
N THR B 309 -5.37 -3.28 -0.28
CA THR B 309 -6.15 -3.00 -1.48
C THR B 309 -5.95 -1.57 -1.96
N ASP B 310 -5.68 -0.64 -1.05
CA ASP B 310 -5.41 0.74 -1.45
C ASP B 310 -4.10 0.84 -2.21
N VAL B 311 -3.07 0.14 -1.74
CA VAL B 311 -1.79 0.15 -2.43
C VAL B 311 -1.91 -0.52 -3.80
N ILE B 312 -2.69 -1.60 -3.90
CA ILE B 312 -2.86 -2.26 -5.19
C ILE B 312 -3.67 -1.38 -6.15
N ILE B 313 -4.67 -0.65 -5.64
CA ILE B 313 -5.41 0.32 -6.44
C ILE B 313 -4.49 1.42 -6.95
N LYS B 314 -3.60 1.91 -6.08
CA LYS B 314 -2.69 2.98 -6.45
C LYS B 314 -1.71 2.53 -7.53
N ASN B 315 -1.20 1.32 -7.41
CA ASN B 315 -0.25 0.86 -8.41
C ASN B 315 -0.93 0.46 -9.71
N ASN B 316 -2.18 -0.02 -9.65
CA ASN B 316 -2.92 -0.28 -10.88
C ASN B 316 -3.30 1.01 -11.57
N LEU B 317 -3.49 2.09 -10.81
CA LEU B 317 -3.75 3.39 -11.41
C LEU B 317 -2.49 3.93 -12.09
N LYS B 318 -1.39 4.01 -11.34
CA LYS B 318 -0.16 4.60 -11.86
C LYS B 318 0.64 3.64 -12.73
N ASP B 319 0.12 2.44 -12.99
CA ASP B 319 0.69 1.57 -14.00
C ASP B 319 0.16 1.89 -15.40
N CYS B 320 -0.55 3.01 -15.56
CA CYS B 320 -1.20 3.36 -16.81
C CYS B 320 -1.20 4.87 -16.96
N GLY B 321 -1.62 5.32 -18.13
CA GLY B 321 -1.94 6.72 -18.37
C GLY B 321 -1.20 7.29 -19.56
N LEU B 322 -1.61 8.52 -19.92
CA LEU B 322 -0.98 9.39 -20.93
C LEU B 322 -0.95 8.71 -22.30
N PHE B 323 -2.14 8.52 -22.85
CA PHE B 323 -2.27 7.80 -24.11
C PHE B 323 -2.56 8.75 -25.26
N GLY C 10 -43.36 -34.55 -16.53
CA GLY C 10 -44.82 -34.55 -16.52
C GLY C 10 -45.40 -35.77 -15.82
N LEU C 11 -45.52 -35.65 -14.50
CA LEU C 11 -45.93 -36.73 -13.59
C LEU C 11 -45.06 -37.97 -13.82
N VAL C 12 -43.79 -37.80 -13.52
CA VAL C 12 -42.82 -38.87 -13.68
C VAL C 12 -42.81 -39.71 -12.41
N GLN C 13 -42.80 -41.03 -12.60
CA GLN C 13 -42.65 -41.92 -11.45
C GLN C 13 -41.24 -41.75 -10.88
N PRO C 14 -41.09 -41.80 -9.54
CA PRO C 14 -39.83 -41.37 -8.91
C PRO C 14 -38.69 -42.33 -9.22
N GLY C 15 -37.61 -41.78 -9.78
CA GLY C 15 -36.44 -42.59 -10.05
C GLY C 15 -35.71 -42.28 -11.34
N GLY C 16 -36.36 -41.61 -12.29
CA GLY C 16 -35.73 -41.34 -13.56
C GLY C 16 -36.31 -40.09 -14.19
N SER C 17 -35.80 -39.75 -15.37
CA SER C 17 -36.24 -38.56 -16.08
C SER C 17 -35.92 -38.73 -17.56
N LEU C 18 -35.95 -37.62 -18.29
CA LEU C 18 -35.66 -37.60 -19.70
C LEU C 18 -34.68 -36.48 -19.99
N ARG C 19 -33.89 -36.66 -21.03
CA ARG C 19 -33.11 -35.58 -21.60
C ARG C 19 -34.05 -34.53 -22.20
N LEU C 20 -34.05 -33.32 -21.63
CA LEU C 20 -35.13 -32.38 -21.90
C LEU C 20 -35.02 -31.79 -23.30
N SER C 21 -33.96 -31.01 -23.54
CA SER C 21 -33.45 -30.69 -24.89
C SER C 21 -34.49 -29.96 -25.76
N CYS C 22 -34.79 -28.73 -25.34
CA CYS C 22 -35.48 -27.76 -26.18
C CYS C 22 -34.48 -26.65 -26.55
N ALA C 23 -34.51 -26.23 -27.81
CA ALA C 23 -33.51 -25.31 -28.33
C ALA C 23 -33.91 -23.88 -28.06
N ALA C 24 -32.90 -23.03 -27.83
CA ALA C 24 -33.15 -21.62 -27.58
C ALA C 24 -33.53 -20.91 -28.88
N SER C 25 -33.90 -19.63 -28.75
CA SER C 25 -34.34 -18.84 -29.89
C SER C 25 -33.50 -17.58 -29.99
N GLY C 26 -32.56 -17.56 -30.93
CA GLY C 26 -31.92 -16.32 -31.32
C GLY C 26 -30.42 -16.31 -31.52
N ILE C 27 -29.67 -17.04 -30.71
CA ILE C 27 -28.21 -16.96 -30.82
C ILE C 27 -27.62 -18.35 -30.92
N ILE C 28 -26.30 -18.45 -30.91
CA ILE C 28 -25.58 -19.69 -31.15
C ILE C 28 -25.09 -20.27 -29.83
N PHE C 29 -25.13 -21.59 -29.74
CA PHE C 29 -24.67 -22.33 -28.55
C PHE C 29 -23.21 -22.72 -28.64
N ARG C 30 -22.36 -21.75 -28.93
CA ARG C 30 -20.92 -21.89 -28.83
C ARG C 30 -20.37 -20.60 -28.26
N SER C 31 -19.58 -20.71 -27.20
CA SER C 31 -19.07 -19.59 -26.39
C SER C 31 -20.18 -18.68 -25.87
N ASN C 32 -21.36 -19.24 -25.67
CA ASN C 32 -22.51 -18.54 -25.10
C ASN C 32 -23.09 -19.53 -24.09
N GLY C 33 -22.67 -19.39 -22.83
CA GLY C 33 -22.95 -20.40 -21.84
C GLY C 33 -24.42 -20.52 -21.48
N MET C 34 -25.03 -21.60 -21.95
CA MET C 34 -26.40 -21.91 -21.60
C MET C 34 -26.46 -22.37 -20.15
N ALA C 35 -27.67 -22.33 -19.58
CA ALA C 35 -27.86 -22.76 -18.21
C ALA C 35 -29.27 -23.28 -18.05
N TRP C 36 -29.66 -23.49 -16.81
CA TRP C 36 -31.01 -23.94 -16.50
C TRP C 36 -31.47 -23.30 -15.20
N TYR C 37 -32.71 -22.86 -15.19
CA TYR C 37 -33.34 -22.36 -13.98
C TYR C 37 -34.55 -23.22 -13.68
N ARG C 38 -34.89 -23.31 -12.39
CA ARG C 38 -36.09 -24.00 -11.94
C ARG C 38 -36.96 -23.04 -11.16
N GLN C 39 -38.24 -23.39 -11.05
CA GLN C 39 -39.21 -22.47 -10.45
C GLN C 39 -40.39 -23.27 -9.93
N ALA C 40 -40.62 -23.19 -8.63
CA ALA C 40 -41.84 -23.69 -8.03
C ALA C 40 -43.02 -22.85 -8.52
N PRO C 41 -44.28 -23.40 -8.52
CA PRO C 41 -45.38 -22.70 -9.19
C PRO C 41 -45.76 -21.37 -8.58
N GLY C 42 -44.93 -20.37 -8.87
CA GLY C 42 -45.09 -19.05 -8.32
C GLY C 42 -43.87 -18.20 -8.65
N LYS C 43 -43.67 -17.16 -7.84
CA LYS C 43 -42.55 -16.25 -8.05
C LYS C 43 -41.21 -16.92 -7.74
N GLU C 44 -41.21 -17.88 -6.81
CA GLU C 44 -39.98 -18.51 -6.33
C GLU C 44 -39.31 -19.32 -7.44
N ARG C 45 -38.20 -18.79 -7.93
CA ARG C 45 -37.47 -19.33 -9.06
C ARG C 45 -35.99 -19.34 -8.72
N GLU C 46 -35.33 -20.49 -8.91
CA GLU C 46 -33.95 -20.65 -8.49
C GLU C 46 -33.11 -21.20 -9.64
N TRP C 47 -31.86 -20.77 -9.69
CA TRP C 47 -30.91 -21.30 -10.65
C TRP C 47 -30.53 -22.73 -10.29
N VAL C 48 -30.45 -23.58 -11.30
CA VAL C 48 -30.01 -24.95 -11.06
C VAL C 48 -28.53 -25.05 -11.32
N ALA C 49 -28.14 -24.87 -12.57
CA ALA C 49 -26.84 -25.32 -13.02
C ALA C 49 -26.48 -24.59 -14.30
N SER C 50 -25.18 -24.53 -14.55
CA SER C 50 -24.66 -23.77 -15.67
C SER C 50 -23.35 -24.41 -16.12
N ILE C 51 -23.03 -24.27 -17.40
CA ILE C 51 -21.78 -24.77 -17.95
C ILE C 51 -21.03 -23.64 -18.63
N THR C 52 -19.70 -23.62 -18.42
CA THR C 52 -18.79 -22.61 -18.94
C THR C 52 -18.47 -22.80 -20.41
N SER C 53 -17.40 -22.16 -20.87
CA SER C 53 -16.98 -22.24 -22.28
C SER C 53 -16.70 -23.66 -22.73
N PHE C 54 -16.20 -24.50 -21.84
CA PHE C 54 -16.15 -25.94 -22.08
C PHE C 54 -16.91 -26.64 -20.94
N GLY C 55 -16.87 -27.97 -20.94
CA GLY C 55 -17.73 -28.78 -20.10
C GLY C 55 -17.41 -28.71 -18.63
N ASP C 56 -17.65 -27.56 -18.02
CA ASP C 56 -17.41 -27.32 -16.61
C ASP C 56 -18.75 -26.93 -16.01
N ALA C 57 -19.39 -27.87 -15.31
CA ALA C 57 -20.78 -27.70 -14.89
C ALA C 57 -20.84 -27.44 -13.39
N ILE C 58 -21.33 -26.27 -13.01
CA ILE C 58 -21.53 -25.88 -11.62
C ILE C 58 -22.91 -26.37 -11.21
N TYR C 59 -23.08 -26.69 -9.93
CA TYR C 59 -24.32 -27.28 -9.45
C TYR C 59 -24.73 -26.64 -8.13
N ARG C 60 -26.02 -26.77 -7.82
CA ARG C 60 -26.54 -26.52 -6.49
C ARG C 60 -26.31 -27.74 -5.61
N ASP C 61 -26.77 -27.67 -4.37
CA ASP C 61 -26.54 -28.75 -3.43
C ASP C 61 -27.51 -29.90 -3.65
N SER C 62 -28.80 -29.61 -3.84
CA SER C 62 -29.81 -30.65 -3.98
C SER C 62 -29.85 -31.27 -5.36
N VAL C 63 -28.94 -30.89 -6.26
CA VAL C 63 -28.82 -31.50 -7.57
C VAL C 63 -27.52 -32.27 -7.70
N LYS C 64 -26.79 -32.45 -6.60
CA LYS C 64 -25.50 -33.14 -6.65
C LYS C 64 -25.70 -34.62 -6.90
N GLY C 65 -25.01 -35.14 -7.90
CA GLY C 65 -25.05 -36.56 -8.21
C GLY C 65 -26.21 -37.00 -9.07
N ARG C 66 -27.41 -36.50 -8.77
CA ARG C 66 -28.59 -36.84 -9.55
C ARG C 66 -28.51 -36.23 -10.95
N PHE C 67 -28.09 -34.97 -11.04
CA PHE C 67 -28.28 -34.16 -12.22
C PHE C 67 -27.00 -34.14 -13.05
N THR C 68 -27.16 -34.31 -14.36
CA THR C 68 -26.07 -34.13 -15.31
C THR C 68 -26.45 -33.04 -16.30
N ILE C 69 -25.52 -32.14 -16.58
CA ILE C 69 -25.72 -31.05 -17.52
C ILE C 69 -24.76 -31.24 -18.67
N SER C 70 -25.18 -30.84 -19.87
CA SER C 70 -24.39 -31.05 -21.08
C SER C 70 -24.59 -29.86 -22.01
N ARG C 71 -23.52 -29.09 -22.25
CA ARG C 71 -23.59 -28.07 -23.30
C ARG C 71 -23.59 -28.70 -24.67
N ASP C 72 -22.78 -29.76 -24.84
CA ASP C 72 -22.80 -30.67 -25.98
C ASP C 72 -22.52 -29.90 -27.29
N ASN C 73 -21.31 -29.38 -27.36
CA ASN C 73 -20.92 -28.55 -28.48
C ASN C 73 -20.80 -29.37 -29.75
N ALA C 74 -21.05 -28.72 -30.88
CA ALA C 74 -21.29 -29.31 -32.21
C ALA C 74 -22.49 -30.27 -32.22
N ARG C 75 -23.37 -30.15 -31.24
CA ARG C 75 -24.64 -30.86 -31.18
C ARG C 75 -25.68 -29.80 -30.84
N ASN C 76 -26.93 -30.03 -31.24
CA ASN C 76 -27.91 -28.95 -31.31
C ASN C 76 -28.36 -28.46 -29.94
N ALA C 77 -28.98 -29.32 -29.15
CA ALA C 77 -29.74 -28.86 -28.00
C ALA C 77 -28.85 -28.82 -26.75
N VAL C 78 -29.49 -28.65 -25.59
CA VAL C 78 -28.83 -28.75 -24.30
C VAL C 78 -29.54 -29.86 -23.53
N SER C 79 -28.87 -30.99 -23.37
CA SER C 79 -29.47 -32.16 -22.75
C SER C 79 -29.15 -32.20 -21.26
N LEU C 80 -30.11 -32.68 -20.49
CA LEU C 80 -30.02 -32.70 -19.03
C LEU C 80 -30.55 -34.04 -18.56
N GLN C 81 -29.69 -34.86 -17.98
CA GLN C 81 -30.11 -36.18 -17.52
C GLN C 81 -30.02 -36.21 -16.00
N THR C 82 -31.09 -35.78 -15.34
CA THR C 82 -31.23 -36.06 -13.93
C THR C 82 -31.84 -37.45 -13.74
N ASN C 83 -31.49 -38.08 -12.63
CA ASN C 83 -31.98 -39.41 -12.33
C ASN C 83 -32.17 -39.53 -10.83
N SER C 84 -32.94 -40.53 -10.43
CA SER C 84 -33.33 -40.80 -9.04
C SER C 84 -34.00 -39.58 -8.41
N LEU C 85 -35.14 -39.21 -8.98
CA LEU C 85 -35.85 -38.03 -8.55
C LEU C 85 -36.87 -38.38 -7.48
N LYS C 86 -36.99 -37.52 -6.47
CA LYS C 86 -38.02 -37.64 -5.46
C LYS C 86 -39.24 -36.83 -5.89
N THR C 87 -40.18 -36.61 -4.99
CA THR C 87 -41.35 -35.79 -5.27
C THR C 87 -41.11 -34.31 -5.02
N GLU C 88 -39.85 -33.91 -4.80
CA GLU C 88 -39.51 -32.53 -4.53
C GLU C 88 -38.73 -31.95 -5.70
N ASP C 89 -39.14 -32.30 -6.92
CA ASP C 89 -38.66 -31.62 -8.11
C ASP C 89 -39.76 -31.25 -9.07
N THR C 90 -41.00 -31.70 -8.85
CA THR C 90 -42.09 -31.52 -9.79
C THR C 90 -42.51 -30.06 -9.78
N ALA C 91 -41.74 -29.26 -10.51
CA ALA C 91 -41.98 -27.84 -10.66
C ALA C 91 -41.58 -27.46 -12.09
N VAL C 92 -41.70 -26.18 -12.39
CA VAL C 92 -41.42 -25.70 -13.74
C VAL C 92 -39.94 -25.34 -13.83
N TYR C 93 -39.29 -25.78 -14.88
CA TYR C 93 -37.91 -25.40 -15.12
C TYR C 93 -37.82 -24.49 -16.33
N TYR C 94 -36.65 -23.90 -16.53
CA TYR C 94 -36.44 -22.99 -17.64
C TYR C 94 -35.02 -23.10 -18.14
N CYS C 95 -34.79 -22.63 -19.35
CA CYS C 95 -33.52 -22.80 -20.06
C CYS C 95 -33.17 -21.56 -20.85
N ASN C 96 -32.05 -20.94 -20.53
CA ASN C 96 -31.52 -19.82 -21.30
C ASN C 96 -30.01 -19.75 -21.04
N THR C 97 -29.39 -18.72 -21.59
CA THR C 97 -27.96 -18.52 -21.41
C THR C 97 -27.68 -18.01 -20.00
N TYR C 98 -26.51 -18.39 -19.49
CA TYR C 98 -26.16 -17.96 -18.14
C TYR C 98 -25.69 -16.51 -18.03
N PRO C 99 -24.65 -16.04 -18.74
CA PRO C 99 -24.12 -14.71 -18.41
C PRO C 99 -24.97 -13.58 -18.95
N VAL C 100 -25.91 -13.87 -19.84
CA VAL C 100 -26.97 -12.94 -20.21
C VAL C 100 -28.28 -13.71 -20.19
N ASN C 101 -29.26 -13.18 -19.48
CA ASN C 101 -30.55 -13.85 -19.34
C ASN C 101 -31.51 -13.17 -20.29
N SER C 102 -31.72 -13.81 -21.44
CA SER C 102 -32.56 -13.25 -22.49
C SER C 102 -34.02 -13.51 -22.16
N ALA C 103 -34.88 -13.33 -23.16
CA ALA C 103 -36.27 -13.74 -23.05
C ALA C 103 -36.32 -15.24 -22.83
N TRP C 104 -37.21 -15.67 -21.95
CA TRP C 104 -37.28 -17.05 -21.54
C TRP C 104 -37.90 -17.90 -22.62
N GLY C 105 -37.88 -19.21 -22.40
CA GLY C 105 -38.41 -20.13 -23.39
C GLY C 105 -39.90 -20.27 -23.24
N GLN C 106 -40.38 -21.50 -23.07
CA GLN C 106 -41.79 -21.73 -22.84
C GLN C 106 -42.09 -22.28 -21.46
N GLY C 107 -41.44 -23.35 -21.05
CA GLY C 107 -41.57 -23.87 -19.72
C GLY C 107 -41.65 -25.38 -19.70
N THR C 108 -41.42 -25.96 -18.52
CA THR C 108 -41.46 -27.39 -18.31
C THR C 108 -42.64 -27.72 -17.41
N GLN C 109 -43.45 -28.67 -17.84
CA GLN C 109 -44.61 -29.08 -17.06
C GLN C 109 -44.18 -29.93 -15.87
N GLN D 3 27.14 -32.64 -10.01
CA GLN D 3 28.15 -33.68 -10.16
C GLN D 3 27.55 -35.05 -9.85
N LEU D 4 26.46 -35.36 -10.55
CA LEU D 4 25.76 -36.62 -10.39
C LEU D 4 26.31 -37.66 -11.33
N GLN D 5 26.03 -38.92 -11.02
CA GLN D 5 26.50 -40.05 -11.81
C GLN D 5 25.71 -41.27 -11.39
N GLU D 6 25.37 -42.12 -12.36
CA GLU D 6 24.70 -43.37 -12.06
C GLU D 6 24.99 -44.36 -13.17
N SER D 7 24.92 -45.64 -12.83
CA SER D 7 25.33 -46.71 -13.73
C SER D 7 24.22 -47.01 -14.72
N GLY D 8 24.32 -48.16 -15.38
CA GLY D 8 23.31 -48.61 -16.32
C GLY D 8 23.69 -49.89 -17.03
N GLN D 13 15.98 -56.20 -26.71
CA GLN D 13 15.60 -57.39 -27.48
C GLN D 13 14.19 -57.83 -27.12
N ALA D 14 13.70 -57.30 -26.00
CA ALA D 14 12.36 -57.58 -25.51
C ALA D 14 11.98 -56.51 -24.50
N GLY D 15 10.71 -56.52 -24.13
CA GLY D 15 10.29 -55.71 -23.00
C GLY D 15 10.76 -56.34 -21.71
N ASP D 16 11.72 -55.70 -21.05
CA ASP D 16 12.40 -56.29 -19.90
C ASP D 16 12.38 -55.36 -18.71
N SER D 17 12.62 -55.94 -17.54
CA SER D 17 12.72 -55.19 -16.30
C SER D 17 14.18 -54.86 -16.04
N LEU D 18 14.45 -53.58 -15.76
CA LEU D 18 15.82 -53.12 -15.60
C LEU D 18 15.91 -52.15 -14.42
N ARG D 19 16.86 -52.41 -13.54
CA ARG D 19 17.06 -51.59 -12.35
C ARG D 19 17.98 -50.42 -12.68
N LEU D 20 17.70 -49.27 -12.08
CA LEU D 20 18.58 -48.11 -12.27
C LEU D 20 18.61 -47.35 -10.95
N SER D 21 19.60 -47.67 -10.12
CA SER D 21 19.69 -47.17 -8.75
C SER D 21 20.54 -45.91 -8.74
N CYS D 22 19.92 -44.79 -9.10
CA CYS D 22 20.62 -43.52 -9.06
C CYS D 22 20.78 -43.07 -7.61
N ALA D 23 21.82 -42.29 -7.37
CA ALA D 23 22.22 -42.03 -6.01
C ALA D 23 22.80 -40.62 -5.91
N ALA D 24 23.10 -40.23 -4.68
CA ALA D 24 23.88 -39.04 -4.43
C ALA D 24 25.36 -39.35 -4.28
N SER D 25 25.80 -40.53 -4.75
CA SER D 25 27.16 -41.06 -4.60
C SER D 25 28.18 -40.33 -5.43
N GLY D 26 27.88 -39.21 -6.09
CA GLY D 26 28.90 -38.36 -6.64
C GLY D 26 29.25 -37.25 -5.68
N LEU D 27 29.17 -37.57 -4.38
CA LEU D 27 29.42 -36.64 -3.27
C LEU D 27 28.52 -35.42 -3.36
N ILE D 28 27.22 -35.69 -3.35
CA ILE D 28 26.20 -34.72 -3.69
C ILE D 28 25.25 -34.57 -2.53
N VAL D 29 25.01 -33.33 -2.10
CA VAL D 29 23.89 -33.05 -1.22
C VAL D 29 22.62 -32.98 -2.07
N SER D 30 21.67 -33.87 -1.77
CA SER D 30 20.37 -33.87 -2.43
C SER D 30 19.31 -34.26 -1.39
N ASN D 31 18.81 -33.28 -0.67
CA ASN D 31 17.63 -33.44 0.14
C ASN D 31 16.49 -32.60 -0.40
N TYR D 32 16.70 -31.94 -1.53
CA TYR D 32 15.65 -31.31 -2.30
C TYR D 32 15.00 -32.34 -3.20
N ALA D 33 14.02 -31.92 -3.98
CA ALA D 33 13.34 -32.84 -4.88
C ALA D 33 14.24 -33.13 -6.08
N MET D 34 14.39 -34.41 -6.40
CA MET D 34 15.29 -34.82 -7.47
C MET D 34 14.62 -34.61 -8.83
N GLY D 35 15.20 -35.18 -9.88
CA GLY D 35 14.60 -35.09 -11.19
C GLY D 35 15.31 -35.87 -12.27
N TRP D 36 14.57 -36.65 -13.04
CA TRP D 36 15.16 -37.44 -14.10
C TRP D 36 14.96 -36.76 -15.44
N PHE D 37 15.85 -37.06 -16.39
CA PHE D 37 15.80 -36.42 -17.68
C PHE D 37 16.30 -37.36 -18.75
N ARG D 38 15.51 -37.55 -19.80
CA ARG D 38 15.99 -38.22 -21.00
C ARG D 38 16.58 -37.19 -21.94
N GLN D 39 17.47 -37.66 -22.82
CA GLN D 39 17.93 -36.82 -23.93
C GLN D 39 18.35 -37.75 -25.06
N ALA D 40 17.51 -37.83 -26.08
CA ALA D 40 17.77 -38.67 -27.23
C ALA D 40 18.78 -38.01 -28.16
N PRO D 41 19.44 -38.78 -29.03
CA PRO D 41 20.30 -38.17 -30.06
C PRO D 41 19.50 -37.31 -31.02
N GLY D 42 19.86 -36.03 -31.09
CA GLY D 42 19.14 -35.05 -31.86
C GLY D 42 18.09 -34.30 -31.07
N LYS D 43 17.44 -34.97 -30.13
CA LYS D 43 16.44 -34.33 -29.29
C LYS D 43 17.09 -33.69 -28.08
N GLU D 44 16.39 -32.75 -27.48
CA GLU D 44 16.88 -32.04 -26.31
C GLU D 44 16.48 -32.82 -25.05
N ARG D 45 16.55 -32.17 -23.89
CA ARG D 45 16.31 -32.86 -22.64
C ARG D 45 14.84 -33.14 -22.45
N GLU D 46 14.52 -34.30 -21.87
CA GLU D 46 13.15 -34.79 -21.74
C GLU D 46 12.89 -35.18 -20.28
N PHE D 47 12.09 -34.38 -19.60
CA PHE D 47 11.72 -34.67 -18.21
C PHE D 47 10.74 -35.82 -18.16
N VAL D 48 10.99 -36.79 -17.29
CA VAL D 48 10.15 -37.97 -17.19
C VAL D 48 9.68 -38.25 -15.77
N ALA D 49 10.48 -37.89 -14.78
CA ALA D 49 10.21 -38.37 -13.44
C ALA D 49 10.44 -37.28 -12.41
N TYR D 50 9.43 -37.03 -11.59
CA TYR D 50 9.52 -36.10 -10.48
C TYR D 50 9.14 -36.86 -9.22
N ILE D 51 10.09 -36.98 -8.29
CA ILE D 51 9.85 -37.63 -7.01
C ILE D 51 10.22 -36.62 -5.94
N ASN D 52 9.22 -36.16 -5.18
CA ASN D 52 9.49 -35.36 -4.00
C ASN D 52 10.13 -36.24 -2.92
N TRP D 53 10.73 -35.58 -1.94
CA TRP D 53 11.17 -36.27 -0.74
C TRP D 53 9.97 -36.88 -0.01
N ASN D 54 10.25 -37.96 0.73
CA ASN D 54 9.30 -38.88 1.35
C ASN D 54 8.44 -39.65 0.36
N GLY D 55 8.69 -39.51 -0.95
CA GLY D 55 7.98 -40.26 -1.96
C GLY D 55 6.51 -39.96 -2.07
N GLY D 56 6.08 -38.80 -1.58
CA GLY D 56 4.67 -38.49 -1.50
C GLY D 56 4.01 -38.25 -2.84
N VAL D 57 4.37 -37.15 -3.50
CA VAL D 57 3.78 -36.85 -4.79
C VAL D 57 4.50 -37.69 -5.82
N THR D 58 3.94 -37.81 -7.02
CA THR D 58 4.62 -38.47 -8.11
C THR D 58 4.19 -37.81 -9.41
N TYR D 59 5.01 -37.98 -10.44
CA TYR D 59 4.74 -37.35 -11.72
C TYR D 59 5.40 -38.18 -12.80
N TYR D 60 4.69 -38.32 -13.91
CA TYR D 60 5.25 -38.89 -15.12
C TYR D 60 4.72 -38.09 -16.30
N THR D 61 5.37 -38.23 -17.44
CA THR D 61 4.84 -37.66 -18.67
C THR D 61 3.87 -38.66 -19.29
N ASN D 62 3.33 -38.29 -20.45
CA ASN D 62 2.17 -39.01 -20.97
C ASN D 62 2.48 -40.40 -21.53
N SER D 63 3.75 -40.80 -21.61
CA SER D 63 4.06 -42.09 -22.22
C SER D 63 5.10 -42.87 -21.41
N VAL D 64 5.19 -42.63 -20.11
CA VAL D 64 6.21 -43.33 -19.33
C VAL D 64 5.62 -43.82 -18.02
N LYS D 65 4.34 -43.51 -17.77
CA LYS D 65 3.78 -43.65 -16.42
C LYS D 65 3.57 -45.11 -16.02
N GLY D 66 3.26 -45.99 -16.96
CA GLY D 66 2.78 -47.30 -16.60
C GLY D 66 3.84 -48.35 -16.43
N ARG D 67 5.06 -48.07 -16.83
CA ARG D 67 6.07 -49.10 -16.87
C ARG D 67 7.41 -48.69 -16.30
N PHE D 68 7.60 -47.43 -15.94
CA PHE D 68 8.91 -46.92 -15.53
C PHE D 68 8.81 -46.30 -14.14
N THR D 69 8.27 -47.05 -13.19
CA THR D 69 8.08 -46.56 -11.83
C THR D 69 9.42 -46.23 -11.17
N ILE D 70 9.35 -45.37 -10.15
CA ILE D 70 10.57 -44.78 -9.59
C ILE D 70 10.37 -44.52 -8.11
N SER D 71 11.29 -45.01 -7.29
CA SER D 71 11.24 -44.87 -5.85
C SER D 71 12.32 -43.90 -5.38
N ARG D 72 12.41 -43.72 -4.07
CA ARG D 72 13.37 -42.79 -3.49
C ARG D 72 13.68 -43.20 -2.07
N ASP D 73 14.88 -43.71 -1.84
CA ASP D 73 15.35 -43.93 -0.48
C ASP D 73 15.89 -42.60 0.00
N ASN D 74 14.98 -41.79 0.57
CA ASN D 74 15.27 -40.41 0.90
C ASN D 74 16.25 -40.25 2.06
N ALA D 75 16.52 -41.32 2.82
CA ALA D 75 17.56 -41.23 3.83
C ALA D 75 18.95 -41.21 3.20
N LYS D 76 19.24 -42.17 2.34
CA LYS D 76 20.51 -42.22 1.63
C LYS D 76 20.58 -41.26 0.45
N ASN D 77 19.48 -40.55 0.18
CA ASN D 77 19.33 -39.64 -0.97
C ASN D 77 19.62 -40.37 -2.29
N THR D 78 19.04 -41.56 -2.40
CA THR D 78 19.14 -42.40 -3.58
C THR D 78 17.75 -42.66 -4.14
N VAL D 79 17.67 -42.77 -5.45
CA VAL D 79 16.42 -43.06 -6.13
C VAL D 79 16.59 -44.32 -6.96
N TYR D 80 15.64 -45.25 -6.82
CA TYR D 80 15.73 -46.54 -7.47
C TYR D 80 14.68 -46.62 -8.56
N LEU D 81 15.13 -46.73 -9.81
CA LEU D 81 14.27 -46.70 -10.98
C LEU D 81 14.13 -48.10 -11.54
N GLN D 82 12.90 -48.51 -11.79
CA GLN D 82 12.58 -49.86 -12.27
C GLN D 82 12.12 -49.74 -13.73
N MET D 83 13.08 -49.81 -14.64
CA MET D 83 12.77 -49.72 -16.08
C MET D 83 12.18 -51.05 -16.52
N ASN D 84 10.88 -51.19 -16.35
CA ASN D 84 10.18 -52.40 -16.74
C ASN D 84 9.64 -52.26 -18.15
N SER D 85 9.68 -53.36 -18.90
CA SER D 85 9.15 -53.49 -20.26
C SER D 85 9.81 -52.48 -21.21
N LEU D 86 11.09 -52.74 -21.47
CA LEU D 86 11.89 -51.90 -22.35
C LEU D 86 11.28 -51.76 -23.73
N LYS D 87 11.38 -50.57 -24.29
CA LYS D 87 10.75 -50.18 -25.54
C LYS D 87 11.76 -49.48 -26.42
N PRO D 88 11.46 -49.28 -27.72
CA PRO D 88 12.38 -48.51 -28.58
C PRO D 88 12.56 -47.04 -28.24
N GLU D 89 11.86 -46.52 -27.23
CA GLU D 89 12.16 -45.18 -26.71
C GLU D 89 13.04 -45.26 -25.47
N ASP D 90 14.00 -46.18 -25.46
CA ASP D 90 14.96 -46.29 -24.37
C ASP D 90 16.29 -45.62 -24.67
N THR D 91 16.63 -45.42 -25.94
CA THR D 91 17.99 -45.03 -26.35
C THR D 91 18.22 -43.52 -26.18
N ALA D 92 18.09 -43.05 -24.94
CA ALA D 92 18.36 -41.67 -24.59
C ALA D 92 19.35 -41.63 -23.44
N VAL D 93 20.26 -40.66 -23.46
CA VAL D 93 21.13 -40.50 -22.32
C VAL D 93 20.32 -39.92 -21.17
N TYR D 94 20.70 -40.28 -19.95
CA TYR D 94 19.87 -40.01 -18.79
C TYR D 94 20.67 -39.25 -17.75
N TYR D 95 20.34 -37.98 -17.57
CA TYR D 95 20.92 -37.16 -16.52
C TYR D 95 20.01 -37.20 -15.31
N CYS D 96 20.47 -37.82 -14.23
CA CYS D 96 19.86 -37.54 -12.94
C CYS D 96 20.10 -36.07 -12.60
N ALA D 97 19.09 -35.44 -12.01
CA ALA D 97 19.16 -34.03 -11.69
C ALA D 97 18.30 -33.78 -10.47
N ARG D 98 18.33 -32.53 -9.99
CA ARG D 98 17.66 -32.20 -8.74
C ARG D 98 17.32 -30.72 -8.78
N THR D 99 16.04 -30.40 -8.71
CA THR D 99 15.64 -29.00 -8.76
C THR D 99 15.94 -28.33 -7.42
N SER D 100 15.84 -27.01 -7.44
CA SER D 100 16.06 -26.22 -6.22
C SER D 100 14.87 -25.33 -5.93
N ARG D 101 13.73 -25.61 -6.53
CA ARG D 101 12.52 -24.85 -6.32
C ARG D 101 11.63 -25.59 -5.31
N ALA D 102 10.40 -25.10 -5.14
CA ALA D 102 9.44 -25.73 -4.25
C ALA D 102 8.19 -26.17 -4.98
N SER D 103 8.25 -26.33 -6.30
CA SER D 103 7.11 -26.73 -7.09
C SER D 103 7.50 -27.87 -8.02
N VAL D 104 6.49 -28.63 -8.45
CA VAL D 104 6.68 -29.63 -9.48
C VAL D 104 6.79 -28.87 -10.80
N THR D 105 8.00 -28.60 -11.23
CA THR D 105 8.25 -27.74 -12.37
C THR D 105 8.78 -28.57 -13.53
N THR D 106 8.01 -28.62 -14.60
CA THR D 106 8.32 -29.45 -15.75
C THR D 106 8.88 -28.64 -16.90
N ARG D 107 9.64 -29.33 -17.75
CA ARG D 107 9.99 -28.97 -19.13
C ARG D 107 10.99 -27.81 -19.23
N VAL D 108 11.27 -27.12 -18.14
CA VAL D 108 12.29 -26.08 -18.13
C VAL D 108 13.52 -26.60 -17.40
N ALA D 109 14.69 -26.31 -17.98
CA ALA D 109 15.95 -26.75 -17.40
C ALA D 109 16.53 -25.66 -16.50
N ASP D 110 15.77 -25.34 -15.45
CA ASP D 110 16.08 -24.21 -14.59
C ASP D 110 16.98 -24.59 -13.42
N PHE D 111 17.71 -25.69 -13.53
CA PHE D 111 18.56 -26.11 -12.42
C PHE D 111 19.73 -26.91 -12.96
N GLY D 112 20.90 -26.66 -12.40
CA GLY D 112 22.12 -27.31 -12.83
C GLY D 112 22.27 -28.71 -12.26
N TYR D 113 23.48 -29.02 -11.80
CA TYR D 113 23.84 -30.31 -11.20
C TYR D 113 23.55 -31.45 -12.16
N TRP D 114 23.79 -31.21 -13.44
CA TRP D 114 23.25 -32.03 -14.51
C TRP D 114 23.94 -33.37 -14.66
N GLY D 115 24.91 -33.67 -13.82
CA GLY D 115 25.50 -34.98 -13.82
C GLY D 115 26.39 -35.23 -15.02
N GLN D 116 26.79 -36.49 -15.13
CA GLN D 116 27.53 -36.93 -16.31
C GLN D 116 26.64 -37.61 -17.33
N GLY D 117 25.56 -38.25 -16.90
CA GLY D 117 24.62 -38.84 -17.82
C GLY D 117 25.00 -40.24 -18.25
N THR D 118 24.07 -41.18 -18.10
CA THR D 118 24.29 -42.53 -18.58
C THR D 118 23.29 -42.85 -19.68
N GLN D 119 23.67 -43.82 -20.51
CA GLN D 119 22.90 -44.26 -21.66
C GLN D 119 22.75 -45.77 -21.60
N VAL D 120 21.51 -46.24 -21.62
CA VAL D 120 21.28 -47.67 -21.62
C VAL D 120 21.58 -48.22 -23.02
N THR D 121 21.97 -49.48 -23.08
CA THR D 121 22.34 -50.09 -24.35
C THR D 121 21.11 -50.51 -25.15
N GLN E 3 23.40 16.41 -19.46
CA GLN E 3 23.22 17.57 -18.59
C GLN E 3 23.43 18.87 -19.36
N LEU E 4 22.33 19.51 -19.75
CA LEU E 4 22.38 20.76 -20.49
C LEU E 4 22.32 21.92 -19.50
N GLN E 5 23.19 22.91 -19.70
CA GLN E 5 23.28 24.05 -18.80
C GLN E 5 23.55 25.30 -19.64
N GLU E 6 23.68 26.43 -18.96
CA GLU E 6 23.81 27.71 -19.64
C GLU E 6 24.77 28.59 -18.86
N SER E 7 24.94 29.82 -19.35
CA SER E 7 25.69 30.84 -18.63
C SER E 7 24.92 32.14 -18.78
N GLY E 8 23.99 32.39 -17.87
CA GLY E 8 23.25 33.63 -17.88
C GLY E 8 23.67 34.55 -16.76
N GLY E 9 24.43 35.59 -17.08
CA GLY E 9 24.89 36.50 -16.05
C GLY E 9 23.85 37.55 -15.72
N GLY E 10 24.25 38.81 -15.70
CA GLY E 10 23.32 39.87 -15.43
C GLY E 10 23.93 41.07 -14.73
N LEU E 11 23.69 42.24 -15.31
CA LEU E 11 24.29 43.49 -14.88
C LEU E 11 23.38 44.18 -13.87
N VAL E 12 23.90 44.41 -12.67
CA VAL E 12 23.09 44.97 -11.60
C VAL E 12 23.25 46.49 -11.68
N GLN E 13 22.51 47.08 -12.62
CA GLN E 13 22.40 48.52 -12.84
C GLN E 13 21.26 48.76 -13.81
N ALA E 14 20.48 49.81 -13.56
CA ALA E 14 19.37 50.14 -14.43
C ALA E 14 19.83 50.85 -15.69
N GLY E 15 19.13 50.57 -16.79
CA GLY E 15 19.30 51.30 -18.04
C GLY E 15 20.47 50.86 -18.90
N GLY E 16 20.54 49.58 -19.24
CA GLY E 16 21.67 49.09 -20.01
C GLY E 16 21.35 47.78 -20.70
N SER E 17 22.35 47.27 -21.41
CA SER E 17 22.19 46.08 -22.23
C SER E 17 22.54 44.81 -21.44
N LEU E 18 22.16 43.67 -22.00
CA LEU E 18 22.45 42.37 -21.37
C LEU E 18 22.75 41.34 -22.45
N ARG E 19 24.02 41.05 -22.67
CA ARG E 19 24.45 40.02 -23.59
C ARG E 19 24.69 38.73 -22.82
N LEU E 20 23.78 37.77 -22.95
CA LEU E 20 23.87 36.54 -22.20
C LEU E 20 24.08 35.37 -23.16
N SER E 21 24.36 34.20 -22.59
CA SER E 21 24.67 33.03 -23.38
C SER E 21 23.90 31.82 -22.85
N CYS E 22 23.64 30.89 -23.77
CA CYS E 22 22.97 29.63 -23.41
C CYS E 22 23.46 28.60 -24.42
N ALA E 23 24.48 27.83 -24.03
CA ALA E 23 25.22 26.97 -24.93
C ALA E 23 24.87 25.50 -24.70
N ALA E 24 25.32 24.66 -25.64
CA ALA E 24 24.95 23.25 -25.64
C ALA E 24 26.04 22.43 -24.95
N SER E 25 25.64 21.68 -23.94
CA SER E 25 26.55 20.82 -23.18
C SER E 25 26.03 19.39 -23.05
N GLY E 26 24.72 19.21 -22.92
CA GLY E 26 24.16 17.90 -22.66
C GLY E 26 24.22 16.94 -23.84
N GLY E 27 24.35 17.45 -25.05
CA GLY E 27 24.52 16.61 -26.22
C GLY E 27 23.26 15.93 -26.72
N ILE E 28 22.14 16.07 -26.01
CA ILE E 28 20.91 15.42 -26.44
C ILE E 28 20.34 16.17 -27.64
N VAL E 29 19.85 15.41 -28.62
CA VAL E 29 19.40 15.97 -29.88
C VAL E 29 17.99 16.53 -29.68
N HIS E 30 17.48 17.26 -30.68
CA HIS E 30 16.16 17.88 -30.72
C HIS E 30 16.00 18.92 -29.60
N ILE E 31 16.79 19.98 -29.73
CA ILE E 31 16.58 21.17 -28.93
C ILE E 31 15.92 22.27 -29.77
N SER E 32 16.62 22.76 -30.79
CA SER E 32 16.09 23.51 -31.94
C SER E 32 15.40 24.84 -31.62
N SER E 33 15.28 25.21 -30.35
CA SER E 33 14.52 26.40 -29.98
C SER E 33 14.96 26.81 -28.58
N MET E 34 15.67 27.93 -28.47
CA MET E 34 16.14 28.44 -27.19
C MET E 34 15.41 29.74 -26.88
N GLY E 35 14.72 29.78 -25.75
CA GLY E 35 13.95 30.94 -25.39
C GLY E 35 14.35 31.51 -24.04
N TRP E 36 13.46 32.25 -23.40
CA TRP E 36 13.77 32.91 -22.15
C TRP E 36 12.60 32.80 -21.19
N PHE E 37 12.87 33.19 -19.95
CA PHE E 37 11.86 33.35 -18.92
C PHE E 37 12.22 34.50 -18.00
N ARG E 38 11.20 35.22 -17.55
CA ARG E 38 11.36 36.30 -16.58
C ARG E 38 10.75 35.85 -15.25
N GLN E 39 11.59 35.59 -14.27
CA GLN E 39 11.13 35.18 -12.94
C GLN E 39 11.24 36.38 -12.01
N ALA E 40 10.18 37.17 -11.95
CA ALA E 40 10.09 38.26 -10.99
C ALA E 40 9.96 37.69 -9.58
N PRO E 41 10.39 38.42 -8.55
CA PRO E 41 10.43 37.86 -7.20
C PRO E 41 9.09 37.75 -6.49
N GLY E 42 7.97 37.89 -7.18
CA GLY E 42 6.69 37.73 -6.53
C GLY E 42 5.62 37.07 -7.36
N LYS E 43 6.01 36.36 -8.41
CA LYS E 43 5.05 35.76 -9.32
C LYS E 43 5.67 34.54 -9.98
N GLN E 44 4.93 33.96 -10.92
CA GLN E 44 5.43 32.87 -11.74
C GLN E 44 6.44 33.39 -12.76
N ARG E 45 7.28 32.49 -13.25
CA ARG E 45 8.25 32.86 -14.27
C ARG E 45 7.54 33.16 -15.58
N GLU E 46 7.99 34.21 -16.27
CA GLU E 46 7.24 34.81 -17.36
C GLU E 46 7.98 34.66 -18.69
N LEU E 47 7.28 34.12 -19.69
CA LEU E 47 7.83 34.00 -21.04
C LEU E 47 8.06 35.35 -21.66
N VAL E 48 9.27 35.61 -22.13
CA VAL E 48 9.53 36.90 -22.74
C VAL E 48 10.13 36.72 -24.14
N ALA E 49 11.29 36.08 -24.25
CA ALA E 49 11.94 35.96 -25.55
C ALA E 49 11.63 34.60 -26.15
N THR E 50 10.37 34.44 -26.56
CA THR E 50 9.92 33.18 -27.18
C THR E 50 10.13 33.30 -28.68
N SER E 51 11.37 33.03 -29.10
CA SER E 51 11.74 33.09 -30.51
C SER E 51 12.40 31.76 -30.85
N PRO E 52 11.66 30.80 -31.40
CA PRO E 52 12.13 29.41 -31.44
C PRO E 52 13.13 29.10 -32.54
N SER E 53 13.68 30.13 -33.22
CA SER E 53 14.51 29.98 -34.42
C SER E 53 13.81 29.12 -35.48
N ASN E 54 12.51 29.36 -35.63
CA ASN E 54 11.64 28.60 -36.52
C ASN E 54 10.93 29.54 -37.48
N GLY E 55 11.72 30.41 -38.12
CA GLY E 55 11.14 31.41 -38.98
C GLY E 55 11.48 32.80 -38.49
N ASP E 56 10.48 33.53 -38.01
CA ASP E 56 10.70 34.87 -37.50
C ASP E 56 10.67 34.87 -35.98
N ILE E 57 11.50 35.74 -35.40
CA ILE E 57 11.60 35.86 -33.96
C ILE E 57 10.32 36.46 -33.40
N ARG E 58 10.11 36.23 -32.11
CA ARG E 58 8.99 36.86 -31.40
C ARG E 58 9.49 37.38 -30.08
N TYR E 59 9.35 38.69 -29.89
CA TYR E 59 9.90 39.41 -28.75
C TYR E 59 9.07 39.24 -27.50
N ALA E 60 9.31 40.10 -26.52
CA ALA E 60 8.47 40.19 -25.35
C ALA E 60 7.05 40.54 -25.72
N ASP E 61 6.09 39.81 -25.15
CA ASP E 61 4.70 40.14 -25.39
C ASP E 61 4.32 41.45 -24.71
N SER E 62 5.00 41.80 -23.63
CA SER E 62 4.69 43.01 -22.90
C SER E 62 5.43 44.23 -23.44
N VAL E 63 6.74 44.10 -23.66
CA VAL E 63 7.57 45.24 -24.03
C VAL E 63 8.34 44.93 -25.31
N LYS E 64 9.23 45.83 -25.70
CA LYS E 64 10.04 45.66 -26.89
C LYS E 64 11.50 45.92 -26.59
N GLY E 65 11.97 45.41 -25.46
CA GLY E 65 13.40 45.34 -25.21
C GLY E 65 13.97 44.35 -26.21
N ARG E 66 14.82 44.83 -27.10
CA ARG E 66 15.12 44.05 -28.29
C ARG E 66 16.21 43.02 -28.02
N PHE E 67 16.03 41.84 -28.60
CA PHE E 67 16.79 40.63 -28.29
C PHE E 67 17.38 40.03 -29.55
N THR E 68 18.10 38.92 -29.38
CA THR E 68 18.56 38.06 -30.46
C THR E 68 18.80 36.67 -29.90
N LEU E 69 19.17 35.73 -30.77
CA LEU E 69 19.51 34.39 -30.35
C LEU E 69 20.88 33.99 -30.88
N SER E 70 21.56 33.13 -30.12
CA SER E 70 22.93 32.70 -30.39
C SER E 70 22.89 31.39 -31.13
N ARG E 71 23.14 31.44 -32.45
CA ARG E 71 23.18 30.25 -33.27
C ARG E 71 24.58 30.03 -33.83
N LEU E 80 22.69 35.47 -26.70
CA LEU E 80 21.61 36.43 -26.71
C LEU E 80 22.15 37.81 -26.38
N GLN E 81 21.37 38.84 -26.67
CA GLN E 81 21.76 40.20 -26.31
C GLN E 81 20.48 40.98 -26.01
N MET E 82 20.19 41.14 -24.72
CA MET E 82 19.02 41.88 -24.28
C MET E 82 19.35 43.36 -24.26
N ASN E 83 18.60 44.16 -25.02
CA ASN E 83 18.93 45.57 -25.19
C ASN E 83 17.89 46.47 -24.56
N SER E 84 18.38 47.57 -23.97
CA SER E 84 17.60 48.70 -23.45
C SER E 84 16.62 48.26 -22.37
N LEU E 85 17.20 47.80 -21.26
CA LEU E 85 16.42 47.47 -20.07
C LEU E 85 15.80 48.72 -19.46
N GLU E 86 14.86 48.50 -18.55
CA GLU E 86 14.23 49.54 -17.78
C GLU E 86 14.54 49.33 -16.30
N PRO E 87 14.39 50.33 -15.44
CA PRO E 87 14.74 50.13 -14.03
C PRO E 87 13.87 49.12 -13.31
N GLU E 88 12.60 49.03 -13.63
CA GLU E 88 11.68 48.28 -12.79
C GLU E 88 11.38 46.87 -13.30
N ASP E 89 11.46 46.62 -14.61
CA ASP E 89 11.09 45.32 -15.16
C ASP E 89 12.17 44.30 -14.82
N THR E 90 12.13 43.87 -13.56
CA THR E 90 13.20 43.12 -12.93
C THR E 90 12.74 41.70 -12.68
N ALA E 91 13.60 40.75 -13.04
CA ALA E 91 13.24 39.34 -12.91
C ALA E 91 14.51 38.51 -12.81
N VAL E 92 14.35 37.28 -12.34
CA VAL E 92 15.46 36.34 -12.31
C VAL E 92 15.54 35.69 -13.68
N TYR E 93 16.57 36.05 -14.45
CA TYR E 93 16.59 35.72 -15.86
C TYR E 93 17.13 34.31 -16.09
N TYR E 94 16.60 33.64 -17.10
CA TYR E 94 17.08 32.34 -17.52
C TYR E 94 16.88 32.20 -19.03
N CYS E 95 17.84 31.55 -19.69
CA CYS E 95 17.59 31.06 -21.04
C CYS E 95 16.66 29.84 -20.97
N HIS E 96 16.12 29.44 -22.12
CA HIS E 96 15.27 28.25 -22.09
C HIS E 96 15.30 27.56 -23.45
N SER E 97 16.12 26.53 -23.57
CA SER E 97 15.95 25.59 -24.67
C SER E 97 14.88 24.58 -24.27
N PHE E 98 14.68 23.55 -25.08
CA PHE E 98 13.75 22.48 -24.71
C PHE E 98 14.17 21.74 -23.46
N SER E 106 13.31 14.46 -26.74
CA SER E 106 13.08 15.89 -26.60
C SER E 106 12.27 16.20 -25.36
N TYR E 107 12.94 16.54 -24.26
CA TYR E 107 12.25 16.74 -22.99
C TYR E 107 11.67 18.15 -22.91
N ASN E 108 11.25 18.55 -21.71
CA ASN E 108 10.54 19.81 -21.53
C ASN E 108 11.42 20.97 -21.06
N ASN E 109 11.98 20.88 -19.87
CA ASN E 109 12.49 22.08 -19.21
C ASN E 109 14.01 22.01 -19.13
N TYR E 110 14.66 22.52 -20.16
CA TYR E 110 16.09 22.79 -20.09
C TYR E 110 16.26 24.28 -19.84
N TYR E 111 16.01 24.67 -18.60
CA TYR E 111 16.18 26.07 -18.20
C TYR E 111 17.65 26.43 -18.10
N GLY E 112 18.35 25.78 -17.21
CA GLY E 112 19.65 26.25 -16.81
C GLY E 112 19.56 27.14 -15.60
N GLN E 113 20.65 27.84 -15.32
CA GLN E 113 20.72 28.73 -14.17
C GLN E 113 21.13 30.11 -14.63
N GLY E 114 20.50 31.13 -14.06
CA GLY E 114 20.80 32.51 -14.40
C GLY E 114 20.73 33.43 -13.20
N THR E 115 20.84 34.73 -13.41
CA THR E 115 20.86 35.68 -12.31
C THR E 115 19.66 36.62 -12.38
N GLN E 116 19.68 37.62 -11.51
CA GLN E 116 18.77 38.75 -11.59
C GLN E 116 19.54 40.05 -11.34
N VAL E 117 18.88 41.15 -11.67
CA VAL E 117 19.41 42.46 -11.40
C VAL E 117 18.92 42.85 -10.02
N VAL F 2 14.77 34.99 25.97
CA VAL F 2 15.49 35.00 27.24
C VAL F 2 16.94 35.36 27.00
N GLN F 3 17.24 36.66 27.11
CA GLN F 3 18.57 37.24 26.94
C GLN F 3 19.16 36.91 25.57
N LEU F 4 18.52 37.46 24.55
CA LEU F 4 18.88 37.19 23.17
C LEU F 4 18.98 38.50 22.39
N GLN F 5 19.82 38.50 21.35
CA GLN F 5 20.08 39.67 20.53
C GLN F 5 19.69 39.39 19.08
N GLU F 6 19.41 40.46 18.35
CA GLU F 6 18.88 40.40 17.00
C GLU F 6 19.86 41.01 16.00
N SER F 7 19.70 40.61 14.75
CA SER F 7 20.47 41.19 13.64
C SER F 7 19.65 40.98 12.37
N GLY F 8 20.27 41.27 11.23
CA GLY F 8 19.58 41.15 9.96
C GLY F 8 19.37 42.47 9.25
N GLY F 9 18.12 42.78 8.91
CA GLY F 9 17.84 43.99 8.16
C GLY F 9 18.24 43.84 6.70
N GLY F 10 18.10 44.95 5.98
CA GLY F 10 18.28 44.98 4.54
C GLY F 10 19.31 46.03 4.13
N LEU F 11 19.04 46.69 3.00
CA LEU F 11 19.98 47.61 2.39
C LEU F 11 19.54 49.04 2.61
N VAL F 12 20.51 49.91 2.85
CA VAL F 12 20.23 51.32 3.17
C VAL F 12 20.17 52.04 1.84
N GLN F 13 19.03 51.91 1.17
CA GLN F 13 18.73 52.72 0.01
C GLN F 13 17.24 53.06 -0.05
N ALA F 14 16.50 52.83 1.04
CA ALA F 14 15.03 52.81 1.09
C ALA F 14 14.46 51.85 0.03
N GLY F 15 15.18 50.77 -0.22
CA GLY F 15 14.71 49.73 -1.12
C GLY F 15 15.19 48.39 -0.64
N GLY F 16 15.75 48.36 0.56
CA GLY F 16 16.38 47.14 1.02
C GLY F 16 15.38 46.20 1.64
N SER F 17 14.93 45.25 0.83
CA SER F 17 13.90 44.28 1.23
C SER F 17 14.59 42.95 1.42
N LEU F 18 14.63 42.47 2.66
CA LEU F 18 15.46 41.33 3.01
C LEU F 18 14.90 40.70 4.27
N ARG F 19 15.72 39.91 4.96
CA ARG F 19 15.34 39.26 6.20
C ARG F 19 15.99 39.94 7.40
N LEU F 20 15.41 39.69 8.57
CA LEU F 20 15.99 40.06 9.84
C LEU F 20 15.94 38.84 10.75
N SER F 21 16.92 38.74 11.66
CA SER F 21 17.11 37.53 12.45
C SER F 21 17.23 37.89 13.93
N CYS F 22 16.20 37.58 14.71
CA CYS F 22 16.25 37.64 16.16
C CYS F 22 16.24 36.20 16.65
N ALA F 23 17.39 35.73 17.13
CA ALA F 23 17.58 34.33 17.50
C ALA F 23 17.55 34.18 19.02
N ALA F 24 16.63 33.35 19.50
CA ALA F 24 16.35 33.24 20.93
C ALA F 24 17.38 32.35 21.61
N SER F 25 17.12 31.93 22.85
CA SER F 25 18.11 31.20 23.63
C SER F 25 17.97 29.69 23.48
N VAL F 26 16.87 29.12 23.97
CA VAL F 26 16.68 27.68 23.79
C VAL F 26 15.29 27.37 23.27
N ARG F 27 14.31 28.21 23.63
CA ARG F 27 12.89 28.01 23.35
C ARG F 27 12.14 29.24 23.85
N THR F 28 10.94 29.41 23.34
CA THR F 28 9.96 30.33 23.90
C THR F 28 8.90 29.51 24.60
N SER F 29 8.58 29.88 25.84
CA SER F 29 7.75 29.04 26.70
C SER F 29 6.30 28.99 26.20
N ASP F 30 5.61 27.92 26.60
CA ASP F 30 4.26 27.67 26.11
C ASP F 30 3.26 28.66 26.70
N THR F 31 3.53 29.19 27.89
CA THR F 31 2.76 30.28 28.45
C THR F 31 3.40 31.62 28.14
N ASP F 32 4.03 31.74 26.98
CA ASP F 32 4.82 32.89 26.59
C ASP F 32 4.74 33.04 25.07
N GLY F 33 5.64 33.82 24.50
CA GLY F 33 5.68 33.99 23.07
C GLY F 33 6.93 34.72 22.65
N MET F 34 6.84 35.37 21.48
CA MET F 34 7.93 36.16 20.96
C MET F 34 7.35 37.33 20.19
N ALA F 35 7.88 38.53 20.42
CA ALA F 35 7.27 39.72 19.85
C ALA F 35 8.32 40.80 19.72
N TRP F 36 7.86 42.02 19.48
CA TRP F 36 8.74 43.15 19.20
C TRP F 36 8.04 44.44 19.59
N PHE F 37 8.80 45.53 19.65
CA PHE F 37 8.31 46.87 19.93
C PHE F 37 8.35 47.69 18.64
N ARG F 38 8.06 48.99 18.76
CA ARG F 38 7.67 49.92 17.69
C ARG F 38 8.55 49.95 16.42
N GLN F 39 9.74 49.34 16.48
CA GLN F 39 10.63 49.07 15.33
C GLN F 39 11.26 50.32 14.75
N ALA F 40 11.71 51.21 15.62
CA ALA F 40 12.49 52.38 15.26
C ALA F 40 13.34 52.77 16.46
N PRO F 41 14.43 53.51 16.23
CA PRO F 41 15.25 53.97 17.36
C PRO F 41 14.81 55.32 17.90
N GLY F 42 13.60 55.73 17.53
CA GLY F 42 13.08 57.03 17.88
C GLY F 42 11.67 57.20 17.34
N LYS F 43 11.40 58.34 16.70
CA LYS F 43 10.14 58.54 16.03
C LYS F 43 10.07 57.73 14.72
N PHE F 47 5.99 48.36 15.22
CA PHE F 47 6.09 47.06 15.87
C PHE F 47 5.84 45.95 14.89
N VAL F 48 6.93 45.37 14.38
CA VAL F 48 6.84 44.51 13.21
C VAL F 48 6.16 43.19 13.56
N GLY F 49 6.76 42.42 14.46
CA GLY F 49 6.26 41.09 14.71
C GLY F 49 5.03 41.06 15.58
N GLY F 50 3.88 40.81 14.96
CA GLY F 50 2.66 40.63 15.71
C GLY F 50 2.40 39.17 16.00
N ILE F 51 3.44 38.42 16.36
CA ILE F 51 3.22 37.06 16.80
C ILE F 51 2.55 37.07 18.17
N ARG F 52 1.95 35.94 18.52
CA ARG F 52 1.00 35.91 19.63
C ARG F 52 1.25 34.65 20.44
N TRP F 53 0.24 34.30 21.25
CA TRP F 53 0.30 33.08 22.06
C TRP F 53 0.48 31.84 21.19
N ASN F 54 -0.48 31.55 20.32
CA ASN F 54 -0.40 30.34 19.51
C ASN F 54 -0.29 30.63 18.02
N SER F 55 -1.27 31.30 17.42
CA SER F 55 -1.32 31.38 15.97
C SER F 55 -1.81 32.71 15.43
N ALA F 56 -2.01 33.73 16.27
CA ALA F 56 -2.51 35.02 15.78
C ALA F 56 -1.33 35.91 15.40
N THR F 57 -0.62 35.48 14.35
CA THR F 57 0.60 36.14 13.87
C THR F 57 0.21 37.43 13.15
N TRP F 58 -0.09 38.45 13.93
CA TRP F 58 -0.71 39.68 13.43
C TRP F 58 0.34 40.58 12.79
N TYR F 59 -0.12 41.75 12.36
CA TYR F 59 0.69 42.72 11.66
C TYR F 59 1.03 43.87 12.58
N ALA F 60 1.61 44.93 12.01
CA ALA F 60 2.01 46.09 12.80
C ALA F 60 0.82 46.93 13.18
N ASP F 61 0.81 47.38 14.44
CA ASP F 61 -0.29 48.22 14.90
C ASP F 61 -0.10 49.67 14.47
N PHE F 62 0.95 50.30 14.97
CA PHE F 62 1.18 51.72 14.69
C PHE F 62 1.96 51.96 13.41
N VAL F 63 2.36 50.92 12.69
CA VAL F 63 3.12 51.10 11.46
C VAL F 63 2.31 50.57 10.28
N LYS F 64 1.47 49.57 10.54
CA LYS F 64 0.64 48.87 9.54
C LYS F 64 1.49 48.33 8.39
N GLY F 65 2.63 47.75 8.74
CA GLY F 65 3.60 47.36 7.74
C GLY F 65 3.21 46.11 6.98
N ARG F 66 4.00 45.84 5.93
CA ARG F 66 3.91 44.61 5.16
C ARG F 66 4.92 43.58 5.65
N PHE F 67 5.33 43.67 6.91
CA PHE F 67 6.43 42.88 7.42
C PHE F 67 6.00 41.42 7.54
N THR F 68 6.57 40.56 6.70
CA THR F 68 6.29 39.12 6.73
C THR F 68 7.02 38.51 7.93
N ILE F 69 6.43 38.70 9.10
CA ILE F 69 7.04 38.26 10.35
C ILE F 69 6.88 36.77 10.49
N SER F 70 7.94 36.11 10.96
CA SER F 70 7.90 34.66 11.13
C SER F 70 8.89 34.27 12.22
N ARG F 71 8.55 33.22 12.94
CA ARG F 71 9.41 32.64 13.95
C ARG F 71 9.74 31.21 13.55
N ASP F 72 10.70 30.62 14.26
CA ASP F 72 11.14 29.27 13.95
C ASP F 72 11.36 28.54 15.28
N ASN F 73 10.33 27.83 15.73
CA ASN F 73 10.44 27.02 16.93
C ASN F 73 11.38 25.84 16.73
N ALA F 74 11.49 25.35 15.50
CA ALA F 74 12.48 24.33 15.19
C ALA F 74 13.89 24.92 15.09
N LYS F 75 14.04 26.24 15.12
CA LYS F 75 15.35 26.85 15.08
C LYS F 75 15.58 27.89 16.17
N ASN F 76 14.60 28.08 17.08
CA ASN F 76 14.70 28.98 18.23
C ASN F 76 15.03 30.42 17.81
N THR F 77 14.38 30.87 16.75
CA THR F 77 14.74 32.15 16.17
C THR F 77 13.52 32.78 15.50
N LEU F 78 13.42 34.10 15.60
CA LEU F 78 12.45 34.86 14.83
C LEU F 78 13.14 35.35 13.56
N TYR F 79 12.69 34.86 12.42
CA TYR F 79 13.21 35.26 11.12
C TYR F 79 12.16 36.15 10.47
N LEU F 80 12.32 37.46 10.61
CA LEU F 80 11.35 38.42 10.12
C LEU F 80 11.82 39.07 8.83
N GLN F 81 10.86 39.49 8.02
CA GLN F 81 11.11 40.06 6.70
C GLN F 81 10.61 41.50 6.69
N MET F 82 11.48 42.43 7.11
CA MET F 82 11.20 43.87 7.05
C MET F 82 11.43 44.36 5.63
N ASN F 83 10.58 43.90 4.73
CA ASN F 83 10.74 44.01 3.29
C ASN F 83 9.72 44.99 2.73
N SER F 84 9.67 45.06 1.39
CA SER F 84 8.70 45.84 0.63
C SER F 84 8.79 47.34 0.95
N LEU F 85 9.94 47.92 0.59
CA LEU F 85 10.18 49.36 0.58
C LEU F 85 10.03 49.97 1.98
N LYS F 86 10.68 49.35 2.95
CA LYS F 86 10.48 49.76 4.33
C LYS F 86 11.30 50.99 4.66
N PRO F 87 10.68 52.18 4.72
CA PRO F 87 11.36 53.34 5.29
C PRO F 87 11.36 53.36 6.81
N GLU F 88 10.63 52.44 7.43
CA GLU F 88 10.61 52.23 8.88
C GLU F 88 11.41 51.00 9.28
N ASP F 89 12.56 50.78 8.64
CA ASP F 89 13.41 49.63 8.88
C ASP F 89 14.69 50.12 9.54
N THR F 90 14.52 50.95 10.57
CA THR F 90 15.62 51.65 11.22
C THR F 90 16.40 50.72 12.14
N ALA F 91 17.23 51.32 13.00
CA ALA F 91 18.31 50.59 13.65
C ALA F 91 17.83 49.69 14.78
N LEU F 92 17.29 50.28 15.85
CA LEU F 92 17.22 49.65 17.17
C LEU F 92 16.20 48.52 17.14
N TYR F 93 16.64 47.38 16.60
CA TYR F 93 15.77 46.25 16.29
C TYR F 93 15.37 45.58 17.60
N TYR F 94 14.38 46.18 18.25
CA TYR F 94 13.84 45.62 19.47
C TYR F 94 13.04 44.37 19.12
N CYS F 95 13.51 43.21 19.58
CA CYS F 95 12.71 42.00 19.58
C CYS F 95 12.56 41.56 21.03
N ALA F 96 11.33 41.29 21.43
CA ALA F 96 11.00 41.06 22.83
C ALA F 96 10.59 39.61 23.02
N ARG F 97 11.34 38.89 23.87
CA ARG F 97 10.98 37.55 24.27
C ARG F 97 10.07 37.62 25.48
N ARG F 98 9.03 36.80 25.49
CA ARG F 98 7.87 37.01 26.34
C ARG F 98 7.81 36.03 27.50
N ALA F 99 6.87 36.31 28.40
CA ALA F 99 6.51 35.40 29.49
C ALA F 99 5.00 35.21 29.58
N TYR F 100 4.24 35.73 28.62
CA TYR F 100 2.78 35.70 28.56
C TYR F 100 2.35 36.18 27.18
N GLY F 101 1.23 35.63 26.69
CA GLY F 101 0.72 36.05 25.39
C GLY F 101 -0.79 36.02 25.28
N PHE F 102 -1.39 37.17 24.94
CA PHE F 102 -2.83 37.24 24.74
C PHE F 102 -3.21 37.60 23.32
N ASP F 103 -2.83 38.78 22.82
CA ASP F 103 -3.35 39.26 21.54
C ASP F 103 -2.30 40.01 20.73
N THR F 104 -1.07 39.46 20.66
CA THR F 104 0.09 40.07 20.00
C THR F 104 0.37 41.47 20.53
N ASP F 105 0.23 41.62 21.85
CA ASP F 105 0.20 42.93 22.49
C ASP F 105 1.58 43.55 22.46
N SER F 106 1.90 44.25 21.37
CA SER F 106 3.23 44.76 21.11
C SER F 106 3.48 46.11 21.76
N ARG F 107 2.77 46.45 22.82
CA ARG F 107 2.79 47.80 23.38
C ARG F 107 3.74 47.88 24.57
N GLU F 108 5.04 47.73 24.27
CA GLU F 108 6.16 48.00 25.17
C GLU F 108 6.12 47.18 26.46
N SER F 109 5.46 46.03 26.45
CA SER F 109 5.34 45.13 27.58
C SER F 109 5.20 43.73 27.01
N ALA F 110 4.65 42.81 27.82
CA ALA F 110 4.39 41.41 27.44
C ALA F 110 5.68 40.74 27.01
N TYR F 111 6.71 40.91 27.83
CA TYR F 111 8.05 40.54 27.45
C TYR F 111 8.83 40.12 28.69
N SER F 112 9.41 38.92 28.65
CA SER F 112 10.36 38.54 29.68
C SER F 112 11.72 39.18 29.48
N ASN F 113 11.98 39.70 28.28
CA ASN F 113 13.21 40.41 27.97
C ASN F 113 12.99 41.32 26.78
N TRP F 114 13.92 42.26 26.62
CA TRP F 114 13.94 43.21 25.51
C TRP F 114 15.29 43.05 24.83
N GLY F 115 15.30 42.49 23.63
CA GLY F 115 16.54 42.28 22.91
C GLY F 115 17.16 43.58 22.46
N GLN F 116 18.43 43.50 22.06
CA GLN F 116 19.22 44.68 21.75
C GLN F 116 20.16 44.38 20.59
N GLY F 117 20.31 45.36 19.70
CA GLY F 117 21.17 45.19 18.53
C GLY F 117 21.01 46.27 17.48
N THR F 118 20.84 45.85 16.22
CA THR F 118 20.65 46.79 15.12
C THR F 118 19.84 46.09 14.04
N GLN F 119 19.52 46.83 12.98
CA GLN F 119 18.87 46.29 11.78
C GLN F 119 19.21 47.16 10.58
N VAL F 120 19.74 46.52 9.53
CA VAL F 120 20.26 47.18 8.33
C VAL F 120 21.31 48.24 8.65
#